data_4COH
#
_entry.id   4COH
#
_cell.length_a   79.218
_cell.length_b   96.392
_cell.length_c   137.113
_cell.angle_alpha   90.00
_cell.angle_beta   90.00
_cell.angle_gamma   90.00
#
_symmetry.space_group_name_H-M   'P 21 21 21'
#
loop_
_entity.id
_entity.type
_entity.pdbx_description
1 polymer 'STEROL 14-ALPHA DEMETHYLASE'
2 non-polymer 'PROTOPORPHYRIN IX CONTAINING FE'
3 non-polymer 2-fluoranyl-N-[(2R)-3-(1H-indol-3-yl)-1-oxidanylidene-1-(pyridin-4-ylamino)propan-2-yl]-4-(4-thiophen-2-ylsulfonylpiperazin-1-yl)benzamide
4 water water
#
_entity_poly.entity_id   1
_entity_poly.type   'polypeptide(L)'
_entity_poly.pdbx_seq_one_letter_code
;MAKKTSSKGKLPTDPPVYPVTVPFLGHIVQFGKNPLEFMQRCKRDLKSGVFTISIGGQRVTIVGDPHEHSRFFSPRNEIL
SPREVYTIMTPVFGEGVAYAAPYPRMREQLNFLAEELTIAKFQNFVPAIQHEVRKFMAENWKEDEGVINLLEDCGAMIIN
TACQCLFGEDLRKRLNARHFAQLLSKMESSLIPAAVFMPWLLRLPLPQSARCREARAELQKILGEIIVAREKEEASKDNN
TSDLLGGLLKAVYRDGTRMSLHEVCGMIVAAMFAGQHTSTITTSWSMLHLMHPKNKKWLDKLHKEIDEFPAQLNYDNVMD
EMPFAERCVRESIRRDPPLLMVMRMVKAEVKVGSYVVPKGDIIACSPLLSHHDEEAFPNPRLWDPERDEKVDGAFIGFGA
GVHKCIGQKFALLQVKTILATAFREYDFQLLRDEVPDPDYHTMVVGPTLNQCLVKYTRKKKLPSHHHHHH
;
_entity_poly.pdbx_strand_id   A,B
#
# COMPACT_ATOMS: atom_id res chain seq x y z
N THR A 13 -20.33 -13.52 35.96
CA THR A 13 -19.64 -12.27 35.46
C THR A 13 -20.28 -11.74 34.13
N ASP A 14 -21.61 -11.88 33.97
CA ASP A 14 -22.32 -11.73 32.68
C ASP A 14 -22.46 -10.26 32.30
N PRO A 15 -22.32 -9.90 31.01
CA PRO A 15 -22.63 -8.54 30.55
C PRO A 15 -24.10 -8.20 30.88
N PRO A 16 -24.44 -6.93 31.08
CA PRO A 16 -25.83 -6.62 31.37
C PRO A 16 -26.71 -6.88 30.16
N VAL A 17 -27.97 -7.16 30.43
CA VAL A 17 -28.94 -7.61 29.48
C VAL A 17 -29.92 -6.47 29.23
N TYR A 18 -30.24 -6.16 27.98
CA TYR A 18 -31.24 -5.16 27.68
C TYR A 18 -32.64 -5.74 27.92
N PRO A 19 -33.55 -4.99 28.64
CA PRO A 19 -34.80 -5.58 29.03
C PRO A 19 -35.66 -5.93 27.83
N VAL A 20 -36.36 -7.04 27.96
CA VAL A 20 -37.12 -7.64 26.87
C VAL A 20 -38.55 -7.45 27.23
N THR A 21 -39.32 -6.93 26.29
CA THR A 21 -40.71 -6.53 26.51
C THR A 21 -41.60 -7.61 25.90
N VAL A 22 -41.10 -8.26 24.84
CA VAL A 22 -41.88 -9.26 24.04
C VAL A 22 -41.01 -10.50 23.82
N PRO A 23 -41.20 -11.52 24.69
CA PRO A 23 -40.24 -12.60 24.80
C PRO A 23 -39.98 -13.32 23.48
N PHE A 24 -41.00 -13.41 22.65
CA PHE A 24 -40.86 -14.20 21.44
C PHE A 24 -39.98 -13.47 20.41
N LEU A 25 -40.01 -12.14 20.41
CA LEU A 25 -39.24 -11.37 19.42
C LEU A 25 -37.85 -11.02 19.94
N GLY A 26 -37.76 -10.89 21.26
CA GLY A 26 -36.77 -10.04 21.88
C GLY A 26 -36.73 -8.66 21.23
N HIS A 27 -35.59 -8.34 20.69
CA HIS A 27 -35.24 -7.02 20.20
C HIS A 27 -35.13 -7.03 18.63
N ILE A 28 -35.60 -8.09 17.96
CA ILE A 28 -35.26 -8.21 16.53
C ILE A 28 -35.97 -7.10 15.73
N VAL A 29 -37.13 -6.70 16.21
CA VAL A 29 -37.91 -5.65 15.60
C VAL A 29 -37.37 -4.26 15.96
N GLN A 30 -36.98 -4.04 17.21
CA GLN A 30 -36.39 -2.76 17.58
C GLN A 30 -35.08 -2.53 16.82
N PHE A 31 -34.29 -3.58 16.71
CA PHE A 31 -33.01 -3.53 15.97
C PHE A 31 -33.37 -3.18 14.52
N GLY A 32 -34.35 -3.89 13.97
CA GLY A 32 -34.61 -3.76 12.53
C GLY A 32 -35.14 -2.38 12.17
N LYS A 33 -35.92 -1.78 13.06
CA LYS A 33 -36.43 -0.48 12.64
C LYS A 33 -35.37 0.62 12.60
N ASN A 34 -34.30 0.48 13.38
CA ASN A 34 -33.23 1.48 13.41
C ASN A 34 -32.06 0.91 14.22
N PRO A 35 -31.17 0.17 13.57
CA PRO A 35 -30.13 -0.58 14.23
C PRO A 35 -29.20 0.42 14.92
N LEU A 36 -28.99 1.59 14.33
CA LEU A 36 -28.07 2.56 14.94
C LEU A 36 -28.64 3.14 16.23
N GLU A 37 -29.88 3.57 16.20
CA GLU A 37 -30.50 4.16 17.37
C GLU A 37 -30.59 3.05 18.43
N PHE A 38 -31.07 1.86 18.04
CA PHE A 38 -31.26 0.80 19.03
C PHE A 38 -29.97 0.45 19.77
N MET A 39 -28.93 0.16 18.99
CA MET A 39 -27.69 -0.23 19.59
C MET A 39 -27.05 0.89 20.39
N GLN A 40 -27.11 2.15 19.91
CA GLN A 40 -26.60 3.27 20.78
C GLN A 40 -27.39 3.44 22.10
N ARG A 41 -28.71 3.25 22.02
CA ARG A 41 -29.55 3.33 23.21
C ARG A 41 -29.19 2.27 24.27
N CYS A 42 -28.98 1.03 23.84
CA CYS A 42 -28.56 -0.05 24.74
C CYS A 42 -27.24 0.32 25.40
N LYS A 43 -26.27 0.69 24.61
CA LYS A 43 -24.94 0.95 25.12
C LYS A 43 -24.98 2.15 26.05
N ARG A 44 -25.74 3.17 25.70
N ARG A 44 -25.76 3.16 25.72
CA ARG A 44 -25.96 4.33 26.58
CA ARG A 44 -25.93 4.31 26.59
C ARG A 44 -26.71 3.92 27.86
C ARG A 44 -26.73 3.94 27.87
N ASP A 45 -27.84 3.22 27.74
CA ASP A 45 -28.72 3.00 28.92
C ASP A 45 -28.24 1.94 29.88
N LEU A 46 -27.53 0.93 29.37
CA LEU A 46 -26.89 -0.04 30.26
C LEU A 46 -25.52 0.46 30.71
N LYS A 47 -25.10 1.66 30.31
CA LYS A 47 -23.78 2.19 30.71
C LYS A 47 -22.66 1.17 30.48
N SER A 48 -22.74 0.40 29.39
CA SER A 48 -21.69 -0.58 29.09
C SER A 48 -21.51 -0.74 27.59
N GLY A 49 -20.29 -0.70 27.10
CA GLY A 49 -19.95 -1.07 25.71
C GLY A 49 -20.23 -2.56 25.39
N VAL A 50 -20.29 -3.41 26.42
CA VAL A 50 -20.53 -4.83 26.26
C VAL A 50 -21.88 -5.17 26.90
N PHE A 51 -22.83 -5.62 26.10
CA PHE A 51 -24.16 -5.84 26.63
C PHE A 51 -24.82 -6.90 25.77
N THR A 52 -25.93 -7.45 26.25
CA THR A 52 -26.58 -8.60 25.64
C THR A 52 -28.04 -8.25 25.27
N ILE A 53 -28.41 -8.59 24.05
CA ILE A 53 -29.79 -8.39 23.59
C ILE A 53 -30.37 -9.77 23.27
N SER A 54 -31.62 -9.77 22.83
CA SER A 54 -32.29 -11.00 22.51
C SER A 54 -32.67 -10.93 21.03
N ILE A 55 -32.44 -12.01 20.30
CA ILE A 55 -32.97 -12.09 18.92
C ILE A 55 -33.78 -13.37 18.87
N GLY A 56 -35.08 -13.19 18.97
CA GLY A 56 -36.01 -14.29 19.21
C GLY A 56 -35.95 -15.52 20.12
N GLY A 57 -35.59 -15.58 21.39
CA GLY A 57 -34.71 -14.80 22.12
C GLY A 57 -33.49 -15.72 22.38
N GLN A 58 -32.69 -15.92 21.33
CA GLN A 58 -31.31 -16.34 21.43
C GLN A 58 -30.50 -15.15 22.02
N ARG A 59 -29.62 -15.40 22.98
CA ARG A 59 -28.77 -14.36 23.51
C ARG A 59 -27.68 -13.95 22.50
N VAL A 60 -27.63 -12.65 22.18
CA VAL A 60 -26.56 -12.09 21.35
C VAL A 60 -25.78 -11.07 22.18
N THR A 61 -24.51 -11.34 22.49
CA THR A 61 -23.76 -10.37 23.28
C THR A 61 -22.97 -9.53 22.28
N ILE A 62 -23.16 -8.20 22.28
CA ILE A 62 -22.48 -7.27 21.38
C ILE A 62 -21.25 -6.68 22.05
N VAL A 63 -20.09 -6.81 21.42
CA VAL A 63 -18.83 -6.22 21.91
C VAL A 63 -18.79 -4.85 21.30
N GLY A 64 -19.47 -3.90 21.92
CA GLY A 64 -19.54 -2.56 21.35
C GLY A 64 -18.46 -1.68 21.95
N ASP A 65 -17.43 -2.27 22.60
CA ASP A 65 -16.34 -1.40 23.13
C ASP A 65 -15.11 -1.60 22.29
N PRO A 66 -14.72 -0.56 21.56
CA PRO A 66 -13.63 -0.78 20.62
C PRO A 66 -12.33 -1.23 21.26
N HIS A 67 -12.17 -1.02 22.56
CA HIS A 67 -10.95 -1.46 23.19
C HIS A 67 -10.89 -2.99 23.25
N GLU A 68 -12.06 -3.63 23.09
CA GLU A 68 -12.18 -5.08 23.25
C GLU A 68 -12.29 -5.80 21.91
N HIS A 69 -12.14 -5.10 20.78
CA HIS A 69 -12.22 -5.75 19.47
C HIS A 69 -11.38 -7.02 19.31
N SER A 70 -10.11 -6.99 19.74
CA SER A 70 -9.20 -8.11 19.42
C SER A 70 -9.76 -9.39 20.10
N ARG A 71 -10.49 -9.21 21.20
CA ARG A 71 -11.10 -10.35 21.92
C ARG A 71 -12.22 -11.08 21.14
N PHE A 72 -12.77 -10.37 20.18
CA PHE A 72 -13.72 -10.97 19.20
C PHE A 72 -13.04 -11.44 17.87
N PHE A 73 -12.17 -10.61 17.31
CA PHE A 73 -11.59 -10.92 15.99
C PHE A 73 -10.39 -11.88 16.03
N SER A 74 -9.78 -12.03 17.20
CA SER A 74 -8.58 -12.88 17.32
C SER A 74 -8.80 -14.41 17.55
N PRO A 75 -9.85 -14.81 18.26
CA PRO A 75 -9.90 -16.24 18.52
C PRO A 75 -10.14 -17.06 17.27
N ARG A 76 -9.60 -18.27 17.26
CA ARG A 76 -9.75 -19.19 16.13
C ARG A 76 -11.12 -19.86 16.14
N ASN A 77 -11.44 -20.59 15.06
CA ASN A 77 -12.74 -21.29 14.89
C ASN A 77 -13.23 -22.14 16.04
N GLU A 78 -12.30 -22.82 16.71
CA GLU A 78 -12.62 -23.71 17.84
C GLU A 78 -13.23 -22.92 19.00
N ILE A 79 -12.88 -21.63 19.11
CA ILE A 79 -13.42 -20.89 20.23
C ILE A 79 -14.61 -20.07 19.74
N LEU A 80 -14.46 -19.41 18.58
CA LEU A 80 -15.49 -18.45 18.08
C LEU A 80 -15.76 -18.90 16.67
N SER A 81 -16.94 -19.49 16.48
CA SER A 81 -17.26 -20.15 15.23
C SER A 81 -18.21 -19.36 14.28
N PRO A 82 -17.71 -18.95 13.11
CA PRO A 82 -18.54 -18.21 12.16
C PRO A 82 -19.66 -19.03 11.53
N ARG A 83 -19.50 -20.31 11.34
CA ARG A 83 -20.38 -20.97 10.38
C ARG A 83 -21.87 -21.03 10.78
N GLU A 84 -22.17 -21.11 12.08
CA GLU A 84 -23.56 -21.29 12.51
C GLU A 84 -24.50 -20.15 12.06
N VAL A 85 -23.98 -18.96 11.80
CA VAL A 85 -24.86 -17.81 11.41
C VAL A 85 -25.10 -17.69 9.90
N TYR A 86 -24.57 -18.61 9.10
CA TYR A 86 -24.70 -18.60 7.63
C TYR A 86 -25.47 -19.79 7.06
N THR A 87 -26.23 -20.48 7.88
CA THR A 87 -27.00 -21.62 7.38
C THR A 87 -27.83 -21.19 6.20
N ILE A 88 -28.36 -19.95 6.23
CA ILE A 88 -29.11 -19.48 5.06
C ILE A 88 -28.30 -19.49 3.74
N MET A 89 -26.96 -19.55 3.79
CA MET A 89 -26.20 -19.40 2.52
C MET A 89 -26.05 -20.74 1.78
N THR A 90 -26.41 -21.81 2.46
CA THR A 90 -26.24 -23.16 1.89
C THR A 90 -26.79 -23.32 0.48
N PRO A 91 -28.04 -22.86 0.19
CA PRO A 91 -28.51 -23.11 -1.19
C PRO A 91 -27.77 -22.25 -2.18
N VAL A 92 -27.15 -21.16 -1.72
CA VAL A 92 -26.45 -20.29 -2.64
C VAL A 92 -25.05 -20.86 -2.90
N PHE A 93 -24.22 -20.97 -1.86
CA PHE A 93 -22.82 -21.42 -2.06
C PHE A 93 -22.82 -22.90 -2.50
N GLY A 94 -23.81 -23.66 -2.02
CA GLY A 94 -24.05 -25.06 -2.49
C GLY A 94 -23.93 -26.03 -1.33
N GLU A 95 -24.73 -27.08 -1.37
CA GLU A 95 -24.67 -28.09 -0.30
C GLU A 95 -23.27 -28.60 -0.04
N GLY A 96 -22.94 -28.75 1.22
CA GLY A 96 -21.61 -29.17 1.57
C GLY A 96 -20.47 -28.23 1.21
N VAL A 97 -20.72 -27.01 0.75
CA VAL A 97 -19.61 -26.06 0.34
C VAL A 97 -19.43 -24.97 1.38
N ALA A 98 -18.20 -24.47 1.53
CA ALA A 98 -17.91 -23.28 2.34
C ALA A 98 -18.47 -23.53 3.74
N TYR A 99 -19.46 -22.72 4.19
CA TYR A 99 -19.92 -22.80 5.59
C TYR A 99 -20.65 -24.07 5.94
N ALA A 100 -21.02 -24.85 4.92
CA ALA A 100 -21.69 -26.14 5.15
C ALA A 100 -20.67 -27.34 5.05
N ALA A 101 -19.40 -27.04 4.80
CA ALA A 101 -18.33 -28.04 4.76
C ALA A 101 -17.71 -28.21 6.14
N PRO A 102 -17.02 -29.33 6.38
CA PRO A 102 -16.16 -29.38 7.60
C PRO A 102 -15.21 -28.22 7.64
N TYR A 103 -14.94 -27.70 8.83
CA TYR A 103 -14.04 -26.55 8.93
C TYR A 103 -12.67 -26.57 8.17
N PRO A 104 -11.87 -27.65 8.32
CA PRO A 104 -10.59 -27.64 7.63
C PRO A 104 -10.77 -27.49 6.11
N ARG A 105 -11.81 -28.11 5.52
CA ARG A 105 -12.11 -27.99 4.11
C ARG A 105 -12.61 -26.57 3.73
N MET A 106 -13.54 -26.02 4.50
CA MET A 106 -13.95 -24.59 4.40
C MET A 106 -12.79 -23.60 4.35
N ARG A 107 -11.85 -23.72 5.32
CA ARG A 107 -10.65 -22.83 5.37
C ARG A 107 -9.85 -22.98 4.10
N GLU A 108 -9.62 -24.23 3.65
CA GLU A 108 -8.92 -24.40 2.39
C GLU A 108 -9.68 -23.75 1.22
N GLN A 109 -10.99 -23.91 1.17
CA GLN A 109 -11.76 -23.35 0.03
C GLN A 109 -11.71 -21.80 0.04
N LEU A 110 -11.99 -21.16 1.18
CA LEU A 110 -11.83 -19.70 1.26
C LEU A 110 -10.41 -19.34 0.98
N ASN A 111 -9.45 -20.19 1.31
CA ASN A 111 -8.09 -19.74 1.01
C ASN A 111 -7.75 -19.81 -0.53
N PHE A 112 -8.41 -20.73 -1.24
CA PHE A 112 -8.19 -20.82 -2.67
C PHE A 112 -8.67 -19.54 -3.29
N LEU A 113 -9.85 -19.09 -2.84
CA LEU A 113 -10.41 -17.85 -3.31
C LEU A 113 -9.51 -16.70 -2.91
N ALA A 114 -9.01 -16.63 -1.65
CA ALA A 114 -8.07 -15.52 -1.26
C ALA A 114 -6.85 -15.48 -2.19
N GLU A 115 -6.37 -16.66 -2.56
CA GLU A 115 -5.21 -16.68 -3.45
C GLU A 115 -5.52 -16.12 -4.82
N GLU A 116 -6.77 -16.15 -5.24
CA GLU A 116 -7.09 -15.59 -6.57
C GLU A 116 -7.22 -14.04 -6.56
N LEU A 117 -7.05 -13.43 -5.38
CA LEU A 117 -7.36 -11.98 -5.21
C LEU A 117 -6.26 -11.25 -4.49
N THR A 118 -5.04 -11.70 -4.70
CA THR A 118 -3.89 -11.03 -4.19
C THR A 118 -3.32 -10.06 -5.24
N ILE A 119 -2.39 -9.23 -4.76
CA ILE A 119 -1.62 -8.28 -5.55
C ILE A 119 -1.12 -8.87 -6.86
N ALA A 120 -0.62 -10.10 -6.75
CA ALA A 120 0.04 -10.78 -7.86
C ALA A 120 -0.90 -11.00 -9.08
N LYS A 121 -2.21 -11.05 -8.84
CA LYS A 121 -3.16 -11.20 -9.94
C LYS A 121 -3.58 -9.90 -10.55
N PHE A 122 -3.16 -8.80 -9.94
CA PHE A 122 -3.77 -7.50 -10.27
C PHE A 122 -3.12 -6.77 -11.45
N GLN A 123 -2.09 -7.35 -12.06
CA GLN A 123 -1.26 -6.61 -13.05
C GLN A 123 -2.06 -5.93 -14.19
N ASN A 124 -3.05 -6.64 -14.72
CA ASN A 124 -3.85 -6.10 -15.82
C ASN A 124 -5.23 -5.57 -15.37
N PHE A 125 -5.52 -5.60 -14.07
CA PHE A 125 -6.83 -5.14 -13.58
C PHE A 125 -7.11 -3.65 -13.77
N VAL A 126 -6.13 -2.78 -13.48
CA VAL A 126 -6.41 -1.39 -13.61
C VAL A 126 -6.88 -1.02 -15.05
N PRO A 127 -6.18 -1.46 -16.13
CA PRO A 127 -6.70 -1.09 -17.50
C PRO A 127 -8.04 -1.77 -17.85
N ALA A 128 -8.23 -3.00 -17.43
CA ALA A 128 -9.50 -3.67 -17.64
C ALA A 128 -10.68 -2.92 -16.94
N ILE A 129 -10.45 -2.44 -15.72
CA ILE A 129 -11.45 -1.67 -14.97
C ILE A 129 -11.74 -0.35 -15.71
N GLN A 130 -10.68 0.37 -16.08
CA GLN A 130 -10.80 1.64 -16.80
C GLN A 130 -11.51 1.50 -18.14
N HIS A 131 -11.15 0.49 -18.91
CA HIS A 131 -11.83 0.26 -20.21
C HIS A 131 -13.34 0.06 -20.00
N GLU A 132 -13.68 -0.67 -18.98
CA GLU A 132 -15.09 -0.95 -18.73
C GLU A 132 -15.88 0.25 -18.13
N VAL A 133 -15.26 1.04 -17.27
CA VAL A 133 -15.93 2.23 -16.78
C VAL A 133 -16.20 3.19 -17.94
N ARG A 134 -15.13 3.47 -18.69
CA ARG A 134 -15.21 4.26 -19.88
C ARG A 134 -16.27 3.81 -20.92
N LYS A 135 -16.34 2.51 -21.20
CA LYS A 135 -17.40 1.99 -22.02
C LYS A 135 -18.79 2.27 -21.40
N PHE A 136 -18.93 2.14 -20.07
CA PHE A 136 -20.19 2.34 -19.44
C PHE A 136 -20.59 3.88 -19.59
N MET A 137 -19.65 4.78 -19.34
CA MET A 137 -19.97 6.19 -19.40
C MET A 137 -20.32 6.61 -20.86
N ALA A 138 -19.59 6.07 -21.84
CA ALA A 138 -19.84 6.39 -23.29
C ALA A 138 -21.20 5.93 -23.69
N GLU A 139 -21.64 4.82 -23.13
CA GLU A 139 -22.91 4.25 -23.50
C GLU A 139 -24.09 4.87 -22.70
N ASN A 140 -23.85 5.29 -21.46
CA ASN A 140 -24.98 5.67 -20.57
C ASN A 140 -25.00 7.19 -20.21
N TRP A 141 -23.82 7.81 -20.19
CA TRP A 141 -23.73 9.19 -19.84
C TRP A 141 -23.28 9.97 -21.05
N LYS A 142 -24.13 9.96 -22.06
CA LYS A 142 -23.69 10.50 -23.36
C LYS A 142 -24.27 11.84 -23.84
N GLU A 143 -24.95 12.58 -22.98
CA GLU A 143 -25.34 13.96 -23.27
C GLU A 143 -24.34 14.84 -22.58
N ASP A 144 -24.39 16.13 -22.83
CA ASP A 144 -23.62 17.10 -22.09
C ASP A 144 -24.01 17.00 -20.63
N GLU A 145 -25.30 16.82 -20.34
CA GLU A 145 -25.73 16.55 -18.98
C GLU A 145 -26.91 15.58 -18.93
N GLY A 146 -27.09 14.91 -17.80
CA GLY A 146 -28.28 14.13 -17.56
C GLY A 146 -28.45 13.67 -16.12
N VAL A 147 -29.57 12.99 -15.88
CA VAL A 147 -29.98 12.66 -14.56
C VAL A 147 -29.84 11.14 -14.46
N ILE A 148 -29.09 10.66 -13.46
CA ILE A 148 -28.93 9.21 -13.33
C ILE A 148 -29.29 8.81 -11.90
N ASN A 149 -29.56 7.52 -11.69
CA ASN A 149 -29.51 6.98 -10.37
C ASN A 149 -28.09 6.51 -10.04
N LEU A 150 -27.36 7.22 -9.19
CA LEU A 150 -25.96 6.89 -8.98
C LEU A 150 -25.75 5.50 -8.37
N LEU A 151 -26.59 5.09 -7.45
CA LEU A 151 -26.41 3.79 -6.84
C LEU A 151 -26.64 2.66 -7.88
N GLU A 152 -27.68 2.80 -8.69
CA GLU A 152 -27.86 1.81 -9.75
C GLU A 152 -26.69 1.84 -10.77
N ASP A 153 -26.20 3.01 -11.16
CA ASP A 153 -25.08 3.01 -12.12
C ASP A 153 -23.79 2.48 -11.51
N CYS A 154 -23.56 2.76 -10.22
CA CYS A 154 -22.41 2.14 -9.56
C CYS A 154 -22.52 0.64 -9.53
N GLY A 155 -23.73 0.11 -9.38
CA GLY A 155 -23.87 -1.34 -9.23
C GLY A 155 -23.47 -1.97 -10.56
N ALA A 156 -23.89 -1.30 -11.65
CA ALA A 156 -23.67 -1.81 -13.00
C ALA A 156 -22.17 -1.80 -13.29
N MET A 157 -21.48 -0.73 -12.90
CA MET A 157 -20.02 -0.66 -13.14
C MET A 157 -19.23 -1.64 -12.35
N ILE A 158 -19.68 -1.89 -11.12
CA ILE A 158 -19.00 -2.85 -10.26
C ILE A 158 -19.11 -4.31 -10.79
N ILE A 159 -20.29 -4.73 -11.21
CA ILE A 159 -20.46 -6.05 -11.84
C ILE A 159 -19.65 -6.15 -13.18
N ASN A 160 -19.77 -5.14 -14.03
CA ASN A 160 -19.09 -5.11 -15.33
C ASN A 160 -17.57 -5.16 -15.21
N THR A 161 -17.01 -4.27 -14.37
CA THR A 161 -15.60 -4.26 -14.11
C THR A 161 -15.17 -5.55 -13.44
N ALA A 162 -15.90 -6.05 -12.46
CA ALA A 162 -15.45 -7.33 -11.83
C ALA A 162 -15.35 -8.48 -12.86
N CYS A 163 -16.37 -8.60 -13.71
CA CYS A 163 -16.40 -9.62 -14.77
C CYS A 163 -15.19 -9.53 -15.70
N GLN A 164 -14.81 -8.32 -16.04
CA GLN A 164 -13.69 -8.05 -16.95
C GLN A 164 -12.32 -8.35 -16.31
N CYS A 165 -12.20 -8.14 -14.99
CA CYS A 165 -11.02 -8.53 -14.26
C CYS A 165 -10.92 -10.09 -14.07
N LEU A 166 -12.02 -10.70 -13.65
CA LEU A 166 -11.99 -12.06 -13.16
C LEU A 166 -12.36 -13.12 -14.20
N PHE A 167 -13.05 -12.76 -15.24
CA PHE A 167 -13.55 -13.82 -16.15
C PHE A 167 -12.87 -13.75 -17.47
N GLY A 168 -12.43 -14.88 -18.00
CA GLY A 168 -11.84 -14.86 -19.38
C GLY A 168 -12.82 -14.59 -20.51
N GLU A 169 -12.31 -14.16 -21.66
CA GLU A 169 -13.14 -13.82 -22.85
C GLU A 169 -14.24 -14.87 -23.19
N ASP A 170 -13.84 -16.12 -23.10
CA ASP A 170 -14.71 -17.24 -23.42
C ASP A 170 -15.87 -17.32 -22.41
N LEU A 171 -15.59 -17.17 -21.13
CA LEU A 171 -16.66 -17.21 -20.16
C LEU A 171 -17.57 -15.97 -20.34
N ARG A 172 -17.01 -14.80 -20.65
CA ARG A 172 -17.84 -13.61 -20.86
C ARG A 172 -18.73 -13.73 -22.10
N LYS A 173 -18.32 -14.48 -23.11
CA LYS A 173 -19.23 -14.78 -24.24
C LYS A 173 -20.43 -15.66 -23.87
N ARG A 174 -20.28 -16.60 -22.95
CA ARG A 174 -21.43 -17.43 -22.57
C ARG A 174 -22.32 -16.76 -21.55
N LEU A 175 -21.75 -15.81 -20.82
CA LEU A 175 -22.42 -15.24 -19.64
C LEU A 175 -21.94 -13.80 -19.47
N ASN A 176 -22.61 -12.85 -20.11
CA ASN A 176 -22.20 -11.48 -19.91
C ASN A 176 -22.57 -10.97 -18.50
N ALA A 177 -22.05 -9.80 -18.17
CA ALA A 177 -22.24 -9.19 -16.85
C ALA A 177 -23.74 -9.04 -16.51
N ARG A 178 -24.53 -8.61 -17.49
CA ARG A 178 -25.97 -8.45 -17.29
C ARG A 178 -26.67 -9.74 -16.94
N HIS A 179 -26.39 -10.82 -17.66
CA HIS A 179 -26.91 -12.14 -17.30
C HIS A 179 -26.34 -12.66 -15.96
N PHE A 180 -25.05 -12.43 -15.70
CA PHE A 180 -24.52 -12.77 -14.41
C PHE A 180 -25.29 -12.06 -13.29
N ALA A 181 -25.43 -10.73 -13.41
CA ALA A 181 -26.14 -9.94 -12.42
C ALA A 181 -27.58 -10.39 -12.22
N GLN A 182 -28.25 -10.84 -13.27
CA GLN A 182 -29.58 -11.43 -13.07
C GLN A 182 -29.57 -12.75 -12.33
N LEU A 183 -28.55 -13.58 -12.59
CA LEU A 183 -28.50 -14.83 -11.89
C LEU A 183 -28.27 -14.65 -10.38
N LEU A 184 -27.31 -13.82 -9.99
CA LEU A 184 -27.02 -13.46 -8.62
C LEU A 184 -28.24 -12.80 -7.90
N SER A 185 -28.93 -11.92 -8.62
CA SER A 185 -30.15 -11.35 -8.10
C SER A 185 -31.25 -12.36 -7.79
N LYS A 186 -31.45 -13.35 -8.65
CA LYS A 186 -32.31 -14.51 -8.33
C LYS A 186 -31.89 -15.30 -7.08
N MET A 187 -30.60 -15.55 -6.95
CA MET A 187 -30.13 -16.30 -5.81
C MET A 187 -30.37 -15.45 -4.55
N GLU A 188 -30.08 -14.15 -4.63
CA GLU A 188 -30.24 -13.22 -3.54
C GLU A 188 -31.70 -13.08 -3.07
N SER A 189 -32.64 -12.93 -3.98
CA SER A 189 -34.00 -12.63 -3.56
C SER A 189 -34.67 -13.76 -2.79
N SER A 190 -34.12 -14.96 -2.85
CA SER A 190 -34.69 -16.02 -2.07
C SER A 190 -34.33 -15.94 -0.55
N LEU A 191 -33.34 -15.13 -0.17
CA LEU A 191 -32.85 -15.24 1.18
C LEU A 191 -33.78 -14.52 2.19
N ILE A 192 -33.97 -15.09 3.37
CA ILE A 192 -34.70 -14.43 4.46
C ILE A 192 -33.64 -14.25 5.56
N PRO A 193 -33.01 -13.07 5.61
CA PRO A 193 -31.89 -12.84 6.54
C PRO A 193 -32.27 -13.21 7.96
N ALA A 194 -33.47 -12.84 8.41
CA ALA A 194 -33.89 -13.10 9.79
C ALA A 194 -34.07 -14.61 10.08
N ALA A 195 -34.15 -15.44 9.02
CA ALA A 195 -34.20 -16.91 9.23
C ALA A 195 -32.97 -17.49 9.92
N VAL A 196 -31.84 -16.79 9.92
CA VAL A 196 -30.69 -17.22 10.74
C VAL A 196 -31.13 -17.51 12.19
N PHE A 197 -32.05 -16.71 12.72
CA PHE A 197 -32.49 -16.81 14.11
C PHE A 197 -33.91 -17.29 14.29
N MET A 198 -34.72 -17.21 13.26
CA MET A 198 -36.10 -17.68 13.35
C MET A 198 -36.33 -18.52 12.08
N PRO A 199 -35.82 -19.77 12.07
CA PRO A 199 -35.91 -20.52 10.82
C PRO A 199 -37.38 -20.86 10.43
N TRP A 200 -38.33 -20.80 11.34
CA TRP A 200 -39.72 -20.98 10.98
C TRP A 200 -40.19 -19.97 9.90
N LEU A 201 -39.51 -18.83 9.74
CA LEU A 201 -39.93 -17.90 8.69
C LEU A 201 -39.94 -18.52 7.28
N LEU A 202 -39.10 -19.55 7.10
CA LEU A 202 -38.99 -20.29 5.84
C LEU A 202 -40.32 -20.96 5.48
N ARG A 203 -41.18 -21.14 6.45
CA ARG A 203 -42.45 -21.82 6.27
C ARG A 203 -43.54 -20.87 5.83
N LEU A 204 -43.26 -19.55 5.87
CA LEU A 204 -44.32 -18.59 5.48
C LEU A 204 -44.48 -18.46 3.93
N PRO A 205 -45.72 -18.20 3.45
CA PRO A 205 -45.99 -18.10 2.01
C PRO A 205 -45.18 -16.99 1.31
N LEU A 206 -44.66 -17.33 0.13
CA LEU A 206 -43.94 -16.39 -0.75
C LEU A 206 -44.87 -15.71 -1.72
N PRO A 207 -44.56 -14.45 -2.09
CA PRO A 207 -45.35 -13.85 -3.16
C PRO A 207 -45.09 -14.55 -4.50
N GLN A 208 -43.86 -15.09 -4.70
CA GLN A 208 -43.44 -15.65 -5.98
C GLN A 208 -42.61 -16.85 -5.69
N SER A 209 -42.48 -17.76 -6.64
CA SER A 209 -41.57 -18.90 -6.43
C SER A 209 -40.12 -18.45 -6.34
N ALA A 210 -39.35 -19.05 -5.46
CA ALA A 210 -37.91 -18.77 -5.33
C ALA A 210 -37.21 -19.39 -6.56
N ARG A 211 -36.27 -18.65 -7.15
CA ARG A 211 -35.47 -19.14 -8.30
C ARG A 211 -33.97 -19.34 -7.99
N CYS A 212 -33.63 -19.51 -6.72
CA CYS A 212 -32.26 -19.68 -6.28
C CYS A 212 -31.63 -20.99 -6.74
N ARG A 213 -32.31 -22.11 -6.45
CA ARG A 213 -31.77 -23.44 -6.76
C ARG A 213 -31.57 -23.56 -8.27
N GLU A 214 -32.40 -22.85 -9.03
CA GLU A 214 -32.39 -22.89 -10.51
C GLU A 214 -31.36 -21.91 -11.10
N ALA A 215 -31.17 -20.76 -10.45
CA ALA A 215 -30.19 -19.82 -10.95
C ALA A 215 -28.78 -20.44 -10.84
N ARG A 216 -28.55 -21.20 -9.77
CA ARG A 216 -27.24 -21.74 -9.47
C ARG A 216 -26.95 -22.92 -10.41
N ALA A 217 -27.93 -23.81 -10.58
CA ALA A 217 -27.78 -24.91 -11.51
C ALA A 217 -27.45 -24.36 -12.91
N GLU A 218 -28.16 -23.33 -13.36
CA GLU A 218 -27.86 -22.72 -14.63
C GLU A 218 -26.40 -22.18 -14.72
N LEU A 219 -25.92 -21.54 -13.66
CA LEU A 219 -24.56 -21.08 -13.67
C LEU A 219 -23.60 -22.29 -13.73
N GLN A 220 -23.92 -23.32 -12.94
CA GLN A 220 -23.01 -24.43 -12.80
C GLN A 220 -22.87 -25.13 -14.17
N LYS A 221 -23.97 -25.15 -14.92
CA LYS A 221 -24.01 -25.78 -16.21
C LYS A 221 -23.16 -25.01 -17.23
N ILE A 222 -23.26 -23.68 -17.23
CA ILE A 222 -22.45 -22.87 -18.10
C ILE A 222 -20.96 -23.06 -17.80
N LEU A 223 -20.62 -23.07 -16.51
CA LEU A 223 -19.25 -23.27 -16.07
C LEU A 223 -18.75 -24.62 -16.55
N GLY A 224 -19.58 -25.63 -16.46
CA GLY A 224 -19.18 -26.96 -16.92
C GLY A 224 -18.92 -27.00 -18.43
N GLU A 225 -19.77 -26.35 -19.23
CA GLU A 225 -19.53 -26.30 -20.68
C GLU A 225 -18.26 -25.53 -21.03
N ILE A 226 -17.99 -24.42 -20.34
CA ILE A 226 -16.74 -23.65 -20.53
C ILE A 226 -15.56 -24.54 -20.22
N ILE A 227 -15.69 -25.35 -19.18
CA ILE A 227 -14.55 -26.17 -18.77
C ILE A 227 -14.26 -27.24 -19.82
N VAL A 228 -15.31 -27.93 -20.29
CA VAL A 228 -15.19 -28.91 -21.39
C VAL A 228 -14.58 -28.23 -22.62
N ALA A 229 -15.07 -27.05 -23.02
CA ALA A 229 -14.52 -26.35 -24.19
C ALA A 229 -13.06 -25.97 -24.06
N ARG A 230 -12.61 -25.55 -22.88
CA ARG A 230 -11.18 -25.32 -22.56
C ARG A 230 -10.31 -26.62 -22.55
N GLU A 231 -10.86 -27.76 -22.13
CA GLU A 231 -10.08 -29.01 -22.18
C GLU A 231 -9.87 -29.43 -23.64
N LYS A 232 -10.86 -29.21 -24.53
CA LYS A 232 -10.68 -29.49 -25.96
C LYS A 232 -9.49 -28.73 -26.61
N GLU A 233 -9.05 -27.62 -26.03
CA GLU A 233 -7.88 -26.92 -26.60
C GLU A 233 -6.87 -26.47 -25.54
N THR A 241 -4.97 -21.00 -19.01
CA THR A 241 -6.15 -20.12 -18.91
C THR A 241 -6.20 -19.60 -17.46
N SER A 242 -5.93 -18.32 -17.27
CA SER A 242 -5.53 -17.86 -15.92
C SER A 242 -6.53 -16.86 -15.29
N ASP A 243 -7.80 -17.01 -15.64
CA ASP A 243 -8.80 -16.17 -15.05
C ASP A 243 -9.13 -16.79 -13.67
N LEU A 244 -10.18 -16.31 -13.01
CA LEU A 244 -10.54 -16.79 -11.68
C LEU A 244 -10.99 -18.26 -11.72
N LEU A 245 -11.81 -18.60 -12.72
CA LEU A 245 -12.20 -19.98 -12.95
C LEU A 245 -10.96 -20.89 -13.08
N GLY A 246 -9.97 -20.49 -13.85
CA GLY A 246 -8.81 -21.32 -14.14
C GLY A 246 -8.00 -21.52 -12.89
N GLY A 247 -7.74 -20.42 -12.16
CA GLY A 247 -7.07 -20.47 -10.83
C GLY A 247 -7.79 -21.50 -9.95
N LEU A 248 -9.12 -21.38 -9.87
CA LEU A 248 -9.87 -22.31 -9.06
C LEU A 248 -9.74 -23.75 -9.53
N LEU A 249 -9.58 -23.96 -10.83
CA LEU A 249 -9.51 -25.34 -11.36
C LEU A 249 -8.15 -26.00 -11.08
N LYS A 250 -7.11 -25.20 -10.89
CA LYS A 250 -5.79 -25.73 -10.49
C LYS A 250 -5.55 -25.88 -9.01
N ALA A 251 -6.54 -25.54 -8.17
CA ALA A 251 -6.37 -25.62 -6.74
C ALA A 251 -6.37 -27.07 -6.33
N VAL A 252 -5.58 -27.36 -5.30
CA VAL A 252 -5.41 -28.73 -4.81
C VAL A 252 -5.51 -28.66 -3.31
N TYR A 253 -6.39 -29.45 -2.75
CA TYR A 253 -6.46 -29.62 -1.31
C TYR A 253 -5.16 -30.26 -0.79
N ARG A 254 -4.88 -30.04 0.48
CA ARG A 254 -3.74 -30.66 1.13
C ARG A 254 -3.70 -32.20 1.03
N ASP A 255 -4.84 -32.88 0.99
CA ASP A 255 -4.86 -34.35 0.80
C ASP A 255 -4.62 -34.77 -0.66
N GLY A 256 -4.39 -33.79 -1.52
CA GLY A 256 -4.06 -34.09 -2.90
C GLY A 256 -5.25 -34.11 -3.84
N THR A 257 -6.47 -33.94 -3.33
CA THR A 257 -7.62 -33.96 -4.25
C THR A 257 -7.93 -32.55 -4.79
N ARG A 258 -8.85 -32.44 -5.73
CA ARG A 258 -9.14 -31.11 -6.20
C ARG A 258 -10.62 -30.74 -6.05
N MET A 259 -10.96 -29.50 -6.37
CA MET A 259 -12.33 -29.08 -6.15
C MET A 259 -13.26 -29.68 -7.22
N SER A 260 -14.43 -30.12 -6.82
CA SER A 260 -15.42 -30.54 -7.82
C SER A 260 -15.91 -29.26 -8.52
N LEU A 261 -16.62 -29.42 -9.63
CA LEU A 261 -17.34 -28.33 -10.27
C LEU A 261 -18.39 -27.66 -9.32
N HIS A 262 -19.09 -28.48 -8.53
CA HIS A 262 -20.06 -28.01 -7.53
C HIS A 262 -19.39 -26.97 -6.61
N GLU A 263 -18.22 -27.36 -6.07
CA GLU A 263 -17.38 -26.46 -5.26
C GLU A 263 -16.83 -25.23 -5.94
N VAL A 264 -16.24 -25.40 -7.12
CA VAL A 264 -15.76 -24.27 -7.90
C VAL A 264 -16.89 -23.25 -8.14
N CYS A 265 -18.03 -23.74 -8.63
CA CYS A 265 -19.18 -22.89 -8.82
C CYS A 265 -19.54 -22.12 -7.50
N GLY A 266 -19.53 -22.81 -6.36
CA GLY A 266 -19.80 -22.21 -5.02
C GLY A 266 -18.83 -21.06 -4.77
N MET A 267 -17.55 -21.27 -5.08
CA MET A 267 -16.57 -20.21 -4.80
C MET A 267 -16.69 -19.01 -5.70
N ILE A 268 -17.03 -19.25 -6.97
CA ILE A 268 -17.28 -18.19 -7.92
C ILE A 268 -18.50 -17.37 -7.50
N VAL A 269 -19.54 -18.07 -7.08
CA VAL A 269 -20.68 -17.37 -6.53
C VAL A 269 -20.34 -16.51 -5.30
N ALA A 270 -19.57 -17.06 -4.37
CA ALA A 270 -19.24 -16.30 -3.19
C ALA A 270 -18.47 -15.03 -3.51
N ALA A 271 -17.55 -15.11 -4.48
CA ALA A 271 -16.69 -13.98 -4.83
C ALA A 271 -17.45 -12.78 -5.46
N MET A 272 -18.49 -13.10 -6.24
CA MET A 272 -19.25 -12.13 -6.96
C MET A 272 -20.30 -11.61 -6.03
N PHE A 273 -20.94 -12.50 -5.28
CA PHE A 273 -21.95 -12.14 -4.33
C PHE A 273 -21.38 -11.21 -3.22
N ALA A 274 -20.17 -11.51 -2.71
CA ALA A 274 -19.56 -10.72 -1.62
C ALA A 274 -19.35 -9.27 -1.97
N GLY A 275 -18.86 -9.02 -3.17
CA GLY A 275 -18.56 -7.67 -3.59
C GLY A 275 -19.69 -6.90 -4.26
N GLN A 276 -20.76 -7.55 -4.75
CA GLN A 276 -21.80 -6.83 -5.56
C GLN A 276 -22.56 -5.71 -4.86
N HIS A 277 -22.85 -5.82 -3.55
CA HIS A 277 -23.48 -4.68 -2.87
C HIS A 277 -22.46 -3.86 -2.10
N THR A 278 -21.61 -4.53 -1.36
CA THR A 278 -20.60 -3.83 -0.56
C THR A 278 -19.76 -2.86 -1.38
N SER A 279 -19.29 -3.29 -2.56
CA SER A 279 -18.43 -2.45 -3.37
C SER A 279 -19.21 -1.32 -4.04
N THR A 280 -20.39 -1.65 -4.50
CA THR A 280 -21.27 -0.70 -5.15
C THR A 280 -21.57 0.48 -4.20
N ILE A 281 -21.92 0.09 -2.99
CA ILE A 281 -22.34 1.00 -1.89
C ILE A 281 -21.16 1.89 -1.50
N THR A 282 -19.99 1.30 -1.41
CA THR A 282 -18.81 2.08 -1.03
C THR A 282 -18.48 3.18 -2.10
N THR A 283 -18.63 2.83 -3.36
CA THR A 283 -18.31 3.72 -4.44
C THR A 283 -19.40 4.82 -4.39
N SER A 284 -20.65 4.41 -4.24
CA SER A 284 -21.74 5.38 -4.23
C SER A 284 -21.59 6.39 -3.13
N TRP A 285 -21.42 5.88 -1.89
CA TRP A 285 -21.18 6.81 -0.75
C TRP A 285 -20.02 7.77 -1.04
N SER A 286 -18.85 7.24 -1.43
CA SER A 286 -17.69 8.10 -1.70
C SER A 286 -18.05 9.22 -2.73
N MET A 287 -18.81 8.86 -3.77
CA MET A 287 -19.16 9.86 -4.75
C MET A 287 -20.20 10.85 -4.21
N LEU A 288 -21.27 10.37 -3.54
CA LEU A 288 -22.27 11.27 -2.87
C LEU A 288 -21.55 12.22 -1.91
N HIS A 289 -20.59 11.74 -1.11
CA HIS A 289 -19.85 12.72 -0.29
C HIS A 289 -19.08 13.70 -1.12
N LEU A 290 -18.30 13.21 -2.11
CA LEU A 290 -17.33 14.12 -2.80
C LEU A 290 -18.02 15.20 -3.57
N MET A 291 -19.22 14.87 -4.04
CA MET A 291 -19.97 15.81 -4.87
C MET A 291 -20.82 16.83 -4.13
N HIS A 292 -21.08 16.64 -2.84
CA HIS A 292 -21.90 17.60 -2.09
C HIS A 292 -21.11 18.96 -1.96
N PRO A 293 -21.75 20.15 -2.12
CA PRO A 293 -20.93 21.40 -2.14
C PRO A 293 -20.21 21.70 -0.83
N LYS A 294 -20.67 21.14 0.27
CA LYS A 294 -19.99 21.44 1.49
C LYS A 294 -18.66 20.68 1.54
N ASN A 295 -18.50 19.69 0.66
CA ASN A 295 -17.26 18.87 0.62
C ASN A 295 -16.29 19.27 -0.48
N LYS A 296 -16.51 20.47 -1.01
CA LYS A 296 -15.76 20.99 -2.15
C LYS A 296 -14.26 20.94 -1.89
N LYS A 297 -13.84 21.24 -0.66
CA LYS A 297 -12.44 21.15 -0.28
C LYS A 297 -11.87 19.70 -0.48
N TRP A 298 -12.67 18.71 -0.17
CA TRP A 298 -12.22 17.33 -0.36
C TRP A 298 -12.16 16.93 -1.85
N LEU A 299 -13.14 17.40 -2.64
CA LEU A 299 -13.15 17.14 -4.07
C LEU A 299 -11.93 17.86 -4.69
N ASP A 300 -11.65 19.09 -4.23
CA ASP A 300 -10.42 19.77 -4.71
C ASP A 300 -9.19 18.92 -4.43
N LYS A 301 -9.14 18.34 -3.23
CA LYS A 301 -8.03 17.48 -2.85
C LYS A 301 -7.95 16.22 -3.69
N LEU A 302 -9.09 15.64 -4.02
CA LEU A 302 -9.08 14.44 -4.85
C LEU A 302 -8.49 14.81 -6.22
N HIS A 303 -8.89 15.96 -6.74
CA HIS A 303 -8.43 16.40 -8.05
C HIS A 303 -6.98 16.72 -8.07
N LYS A 304 -6.47 17.25 -6.97
CA LYS A 304 -5.04 17.51 -6.87
C LYS A 304 -4.26 16.18 -6.88
N GLU A 305 -4.87 15.12 -6.35
CA GLU A 305 -4.25 13.82 -6.39
C GLU A 305 -4.27 13.27 -7.79
N ILE A 306 -5.41 13.33 -8.49
CA ILE A 306 -5.55 12.61 -9.75
C ILE A 306 -5.22 13.38 -11.07
N ASP A 307 -5.12 14.69 -11.02
CA ASP A 307 -5.06 15.53 -12.22
C ASP A 307 -3.71 15.43 -12.96
N GLU A 308 -2.71 14.89 -12.27
CA GLU A 308 -1.43 14.61 -12.89
C GLU A 308 -1.32 13.23 -13.55
N PHE A 309 -2.29 12.34 -13.35
CA PHE A 309 -2.20 10.95 -13.81
C PHE A 309 -2.33 10.87 -15.32
N PRO A 310 -1.65 9.88 -15.93
CA PRO A 310 -1.95 9.70 -17.36
C PRO A 310 -3.38 9.21 -17.57
N ALA A 311 -3.87 9.24 -18.82
CA ALA A 311 -5.22 8.77 -19.12
C ALA A 311 -5.27 7.28 -18.88
N GLN A 312 -4.16 6.55 -19.12
CA GLN A 312 -4.10 5.13 -18.81
C GLN A 312 -3.42 4.91 -17.48
N LEU A 313 -4.19 4.58 -16.47
CA LEU A 313 -3.61 4.38 -15.18
C LEU A 313 -3.01 2.99 -15.15
N ASN A 314 -2.01 2.83 -14.29
CA ASN A 314 -1.42 1.56 -14.05
C ASN A 314 -1.60 1.21 -12.56
N TYR A 315 -1.16 0.01 -12.22
CA TYR A 315 -1.28 -0.51 -10.89
C TYR A 315 -0.65 0.38 -9.78
N ASP A 316 0.55 0.90 -10.03
CA ASP A 316 1.30 1.77 -9.07
C ASP A 316 0.54 3.06 -8.81
N ASN A 317 -0.07 3.65 -9.84
CA ASN A 317 -0.87 4.86 -9.69
C ASN A 317 -1.94 4.64 -8.67
N VAL A 318 -2.64 3.49 -8.79
CA VAL A 318 -3.77 3.24 -7.93
C VAL A 318 -3.38 2.69 -6.56
N MET A 319 -2.46 1.73 -6.50
CA MET A 319 -2.08 1.11 -5.23
C MET A 319 -1.32 2.09 -4.40
N ASP A 320 -0.37 2.79 -5.02
CA ASP A 320 0.64 3.56 -4.27
C ASP A 320 0.51 5.08 -4.29
N GLU A 321 -0.12 5.65 -5.31
CA GLU A 321 -0.19 7.10 -5.45
C GLU A 321 -1.62 7.73 -5.30
N MET A 322 -2.56 7.03 -4.67
CA MET A 322 -3.82 7.65 -4.31
C MET A 322 -4.13 7.51 -2.80
N PRO A 323 -3.22 8.01 -1.89
CA PRO A 323 -3.51 7.94 -0.47
C PRO A 323 -4.75 8.71 -0.10
N PHE A 324 -5.01 9.83 -0.77
CA PHE A 324 -6.19 10.62 -0.36
C PHE A 324 -7.50 9.97 -0.79
N ALA A 325 -7.57 9.51 -2.04
CA ALA A 325 -8.77 8.78 -2.49
C ALA A 325 -9.07 7.59 -1.57
N GLU A 326 -8.03 6.89 -1.15
CA GLU A 326 -8.26 5.77 -0.25
C GLU A 326 -8.84 6.15 1.13
N ARG A 327 -8.37 7.28 1.71
CA ARG A 327 -8.94 7.82 2.91
C ARG A 327 -10.44 8.19 2.70
N CYS A 328 -10.76 8.69 1.50
CA CYS A 328 -12.15 8.92 1.13
C CYS A 328 -12.96 7.60 1.17
N VAL A 329 -12.40 6.57 0.59
CA VAL A 329 -13.15 5.28 0.55
C VAL A 329 -13.29 4.74 1.97
N ARG A 330 -12.18 4.70 2.72
CA ARG A 330 -12.24 4.19 4.10
C ARG A 330 -13.24 4.96 4.98
N GLU A 331 -13.22 6.28 4.88
CA GLU A 331 -14.10 7.09 5.69
C GLU A 331 -15.58 6.86 5.28
N SER A 332 -15.84 6.47 4.02
CA SER A 332 -17.24 6.19 3.64
C SER A 332 -17.73 4.91 4.26
N ILE A 333 -16.84 3.93 4.32
CA ILE A 333 -17.14 2.68 5.04
C ILE A 333 -17.20 2.91 6.56
N ARG A 334 -16.32 3.76 7.09
CA ARG A 334 -16.32 4.02 8.53
C ARG A 334 -17.70 4.59 8.88
N ARG A 335 -18.12 5.61 8.15
CA ARG A 335 -19.36 6.32 8.52
C ARG A 335 -20.61 5.46 8.29
N ASP A 336 -20.65 4.75 7.17
CA ASP A 336 -21.82 3.95 6.83
C ASP A 336 -21.40 2.53 6.36
N PRO A 337 -20.93 1.71 7.34
CA PRO A 337 -20.40 0.41 6.95
C PRO A 337 -21.50 -0.44 6.38
N PRO A 338 -21.25 -1.06 5.20
CA PRO A 338 -22.31 -1.79 4.49
C PRO A 338 -22.66 -3.06 5.29
N LEU A 339 -21.71 -3.66 6.04
CA LEU A 339 -22.03 -4.81 6.90
C LEU A 339 -22.12 -4.32 8.34
N LEU A 340 -23.35 -4.38 8.86
CA LEU A 340 -23.63 -3.79 10.17
C LEU A 340 -23.05 -4.54 11.36
N MET A 341 -23.04 -5.87 11.29
CA MET A 341 -22.81 -6.72 12.43
C MET A 341 -22.10 -7.93 11.92
N VAL A 342 -21.03 -8.34 12.62
CA VAL A 342 -20.42 -9.67 12.40
C VAL A 342 -20.59 -10.54 13.66
N MET A 343 -20.81 -11.85 13.47
CA MET A 343 -21.26 -12.75 14.55
C MET A 343 -20.51 -14.09 14.63
N ARG A 344 -20.55 -14.74 15.79
CA ARG A 344 -19.87 -16.00 15.98
C ARG A 344 -20.64 -16.78 17.02
N MET A 345 -20.64 -18.09 16.90
CA MET A 345 -21.07 -18.91 18.00
C MET A 345 -19.91 -19.07 18.99
N VAL A 346 -20.20 -18.87 20.28
CA VAL A 346 -19.24 -19.05 21.36
C VAL A 346 -19.19 -20.56 21.68
N LYS A 347 -18.03 -21.17 21.42
CA LYS A 347 -17.85 -22.60 21.62
C LYS A 347 -17.19 -22.87 22.97
N ALA A 348 -16.50 -21.87 23.50
CA ALA A 348 -15.82 -21.97 24.83
C ALA A 348 -15.89 -20.56 25.46
N GLU A 349 -16.23 -20.47 26.75
CA GLU A 349 -16.47 -19.14 27.33
C GLU A 349 -15.26 -18.21 27.09
N VAL A 350 -15.52 -16.92 26.80
CA VAL A 350 -14.45 -15.95 26.53
C VAL A 350 -14.55 -14.77 27.47
N LYS A 351 -13.40 -14.22 27.87
CA LYS A 351 -13.42 -12.94 28.59
C LYS A 351 -13.53 -11.81 27.57
N VAL A 352 -14.43 -10.86 27.84
CA VAL A 352 -14.44 -9.58 27.15
C VAL A 352 -14.59 -8.45 28.19
N GLY A 353 -13.57 -7.59 28.29
CA GLY A 353 -13.59 -6.53 29.33
C GLY A 353 -13.68 -7.12 30.74
N SER A 354 -14.67 -6.74 31.52
CA SER A 354 -14.74 -7.36 32.83
C SER A 354 -15.83 -8.42 32.89
N TYR A 355 -16.32 -8.83 31.72
CA TYR A 355 -17.31 -9.85 31.68
C TYR A 355 -16.84 -11.17 31.12
N VAL A 356 -17.69 -12.17 31.30
CA VAL A 356 -17.51 -13.43 30.64
C VAL A 356 -18.68 -13.65 29.73
N VAL A 357 -18.38 -14.13 28.54
CA VAL A 357 -19.44 -14.40 27.60
C VAL A 357 -19.54 -15.91 27.47
N PRO A 358 -20.69 -16.47 27.88
CA PRO A 358 -20.87 -17.91 27.97
C PRO A 358 -20.97 -18.71 26.66
N LYS A 359 -20.43 -19.91 26.74
CA LYS A 359 -20.64 -20.96 25.76
C LYS A 359 -22.10 -21.02 25.35
N GLY A 360 -22.36 -21.02 24.02
CA GLY A 360 -23.71 -21.05 23.44
C GLY A 360 -24.31 -19.68 23.16
N ASP A 361 -23.77 -18.60 23.74
CA ASP A 361 -24.18 -17.26 23.28
C ASP A 361 -23.82 -17.10 21.80
N ILE A 362 -24.48 -16.18 21.13
CA ILE A 362 -23.92 -15.65 19.91
C ILE A 362 -23.13 -14.43 20.36
N ILE A 363 -21.91 -14.28 19.90
CA ILE A 363 -21.20 -13.04 20.11
C ILE A 363 -21.10 -12.25 18.82
N ALA A 364 -21.16 -10.93 18.96
CA ALA A 364 -21.22 -10.07 17.80
C ALA A 364 -20.35 -8.86 18.04
N CYS A 365 -19.81 -8.34 16.95
CA CYS A 365 -19.11 -7.08 16.98
C CYS A 365 -19.74 -6.32 15.82
N SER A 366 -20.04 -5.03 16.03
CA SER A 366 -20.82 -4.33 15.04
C SER A 366 -19.98 -3.20 14.48
N PRO A 367 -19.58 -3.27 13.17
CA PRO A 367 -19.00 -2.06 12.59
C PRO A 367 -19.87 -0.80 12.76
N LEU A 368 -21.18 -0.94 12.67
CA LEU A 368 -22.07 0.21 12.79
C LEU A 368 -21.89 0.83 14.18
N LEU A 369 -22.03 0.02 15.23
CA LEU A 369 -21.88 0.56 16.58
C LEU A 369 -20.49 1.16 16.88
N SER A 370 -19.43 0.41 16.58
CA SER A 370 -18.08 0.78 17.01
C SER A 370 -17.65 2.03 16.25
N HIS A 371 -18.14 2.15 15.02
CA HIS A 371 -17.76 3.24 14.16
C HIS A 371 -18.44 4.56 14.63
N HIS A 372 -19.36 4.46 15.60
CA HIS A 372 -19.98 5.65 16.23
C HIS A 372 -19.57 5.82 17.71
N ASP A 373 -18.56 5.09 18.14
CA ASP A 373 -18.13 5.27 19.49
C ASP A 373 -17.50 6.67 19.65
N GLU A 374 -17.97 7.43 20.64
CA GLU A 374 -17.58 8.85 20.67
C GLU A 374 -16.11 9.02 20.98
N GLU A 375 -15.48 8.08 21.70
CA GLU A 375 -14.06 8.23 22.00
C GLU A 375 -13.23 7.91 20.75
N ALA A 376 -13.56 6.82 20.06
CA ALA A 376 -12.76 6.42 18.91
C ALA A 376 -13.00 7.26 17.69
N PHE A 377 -14.22 7.78 17.56
CA PHE A 377 -14.55 8.52 16.33
C PHE A 377 -15.37 9.74 16.71
N PRO A 378 -14.74 10.76 17.36
CA PRO A 378 -15.50 11.99 17.73
C PRO A 378 -16.32 12.56 16.53
N ASN A 379 -17.53 13.05 16.75
CA ASN A 379 -18.38 13.59 15.67
C ASN A 379 -18.61 12.51 14.54
N PRO A 380 -19.07 11.29 14.93
CA PRO A 380 -19.08 10.13 14.06
C PRO A 380 -19.96 10.32 12.82
N ARG A 381 -21.01 11.14 12.88
CA ARG A 381 -21.80 11.44 11.64
C ARG A 381 -21.14 12.39 10.63
N LEU A 382 -20.00 13.01 10.97
CA LEU A 382 -19.27 13.86 10.04
C LEU A 382 -18.34 12.99 9.23
N TRP A 383 -18.45 13.10 7.91
CA TRP A 383 -17.55 12.44 6.97
C TRP A 383 -16.33 13.32 6.89
N ASP A 384 -15.22 12.84 7.44
CA ASP A 384 -13.96 13.57 7.52
C ASP A 384 -12.86 12.64 7.00
N PRO A 385 -12.48 12.77 5.72
CA PRO A 385 -11.52 11.75 5.24
C PRO A 385 -10.12 11.90 5.90
N GLU A 386 -9.88 13.04 6.52
CA GLU A 386 -8.62 13.21 7.24
C GLU A 386 -8.61 12.72 8.69
N ARG A 387 -9.70 12.17 9.21
CA ARG A 387 -9.68 11.70 10.62
C ARG A 387 -8.80 10.46 10.74
N ASP A 388 -8.36 10.16 11.95
CA ASP A 388 -7.87 8.81 12.27
C ASP A 388 -8.68 8.24 13.43
N GLU A 389 -8.76 6.91 13.48
CA GLU A 389 -9.30 6.28 14.66
C GLU A 389 -8.47 6.78 15.89
N LYS A 390 -9.15 7.10 16.99
CA LYS A 390 -8.50 7.49 18.26
C LYS A 390 -8.41 6.28 19.19
N VAL A 391 -9.06 5.18 18.84
CA VAL A 391 -8.80 3.87 19.50
C VAL A 391 -8.24 2.93 18.41
N ASP A 392 -7.03 2.45 18.64
CA ASP A 392 -6.32 1.50 17.78
C ASP A 392 -7.21 0.29 17.47
N GLY A 393 -7.45 0.01 16.18
CA GLY A 393 -8.30 -1.11 15.76
C GLY A 393 -9.81 -0.83 15.81
N ALA A 394 -10.22 0.42 16.00
CA ALA A 394 -11.66 0.69 16.14
C ALA A 394 -12.34 0.63 14.77
N PHE A 395 -11.62 0.90 13.68
CA PHE A 395 -12.21 0.71 12.35
C PHE A 395 -12.18 -0.80 11.99
N ILE A 396 -13.37 -1.34 11.70
CA ILE A 396 -13.51 -2.79 11.46
C ILE A 396 -14.43 -2.98 10.27
N GLY A 397 -14.31 -2.13 9.29
CA GLY A 397 -15.20 -2.18 8.14
C GLY A 397 -15.00 -3.36 7.25
N PHE A 398 -13.76 -3.84 7.20
CA PHE A 398 -13.40 -5.08 6.56
C PHE A 398 -12.98 -6.14 7.61
N GLY A 399 -13.53 -6.11 8.80
CA GLY A 399 -13.17 -7.12 9.76
C GLY A 399 -11.75 -6.97 10.31
N ALA A 400 -11.32 -8.02 11.01
CA ALA A 400 -9.98 -8.01 11.57
C ALA A 400 -9.58 -9.42 11.89
N GLY A 401 -8.27 -9.62 12.08
CA GLY A 401 -7.73 -10.86 12.60
C GLY A 401 -8.03 -12.06 11.73
N VAL A 402 -8.48 -13.15 12.35
CA VAL A 402 -8.62 -14.43 11.68
C VAL A 402 -9.51 -14.35 10.44
N HIS A 403 -10.62 -13.61 10.49
CA HIS A 403 -11.55 -13.59 9.36
C HIS A 403 -11.57 -12.26 8.65
N LYS A 404 -10.43 -11.57 8.59
CA LYS A 404 -10.40 -10.29 7.92
C LYS A 404 -10.76 -10.53 6.43
N CYS A 405 -11.44 -9.53 5.80
CA CYS A 405 -11.91 -9.61 4.46
C CYS A 405 -10.82 -9.99 3.46
N ILE A 406 -11.02 -11.07 2.71
CA ILE A 406 -9.99 -11.46 1.70
C ILE A 406 -10.21 -10.72 0.37
N GLY A 407 -11.35 -10.03 0.22
CA GLY A 407 -11.65 -9.32 -1.02
C GLY A 407 -11.22 -7.84 -0.95
N GLN A 408 -10.73 -7.41 0.20
CA GLN A 408 -10.63 -5.96 0.41
C GLN A 408 -9.64 -5.26 -0.55
N LYS A 409 -8.49 -5.85 -0.86
CA LYS A 409 -7.59 -5.16 -1.78
C LYS A 409 -8.16 -5.03 -3.17
N PHE A 410 -8.90 -6.04 -3.60
CA PHE A 410 -9.52 -5.98 -4.89
C PHE A 410 -10.64 -4.93 -4.91
N ALA A 411 -11.40 -4.88 -3.82
CA ALA A 411 -12.53 -3.94 -3.73
C ALA A 411 -12.02 -2.51 -3.71
N LEU A 412 -10.95 -2.26 -2.96
CA LEU A 412 -10.39 -0.94 -2.92
C LEU A 412 -9.82 -0.56 -4.32
N LEU A 413 -9.11 -1.49 -4.97
CA LEU A 413 -8.58 -1.20 -6.30
C LEU A 413 -9.72 -0.77 -7.20
N GLN A 414 -10.80 -1.52 -7.17
CA GLN A 414 -11.93 -1.29 -8.02
C GLN A 414 -12.56 0.09 -7.75
N VAL A 415 -12.79 0.41 -6.47
CA VAL A 415 -13.51 1.64 -6.10
C VAL A 415 -12.64 2.86 -6.44
N LYS A 416 -11.36 2.79 -6.06
CA LYS A 416 -10.43 3.90 -6.35
C LYS A 416 -10.27 4.09 -7.84
N THR A 417 -10.14 2.98 -8.57
CA THR A 417 -10.05 3.08 -10.04
C THR A 417 -11.33 3.72 -10.66
N ILE A 418 -12.53 3.37 -10.18
CA ILE A 418 -13.73 4.02 -10.68
C ILE A 418 -13.76 5.51 -10.32
N LEU A 419 -13.50 5.85 -9.07
CA LEU A 419 -13.37 7.28 -8.73
C LEU A 419 -12.48 8.07 -9.68
N ALA A 420 -11.24 7.59 -9.85
CA ALA A 420 -10.30 8.33 -10.65
C ALA A 420 -10.78 8.45 -12.11
N THR A 421 -11.39 7.39 -12.63
CA THR A 421 -11.88 7.39 -14.02
C THR A 421 -13.10 8.32 -14.20
N ALA A 422 -14.10 8.29 -13.29
CA ALA A 422 -15.29 9.09 -13.50
C ALA A 422 -15.03 10.58 -13.24
N PHE A 423 -14.32 10.90 -12.15
CA PHE A 423 -14.08 12.30 -11.84
C PHE A 423 -13.12 12.97 -12.85
N ARG A 424 -12.37 12.22 -13.62
CA ARG A 424 -11.50 12.78 -14.66
C ARG A 424 -12.31 13.39 -15.78
N GLU A 425 -13.41 12.75 -16.14
CA GLU A 425 -14.21 13.18 -17.31
C GLU A 425 -15.59 13.82 -17.03
N TYR A 426 -16.08 13.74 -15.80
CA TYR A 426 -17.43 14.25 -15.39
C TYR A 426 -17.43 14.99 -14.08
N ASP A 427 -18.38 15.93 -13.93
CA ASP A 427 -18.78 16.50 -12.66
C ASP A 427 -20.19 16.04 -12.30
N PHE A 428 -20.54 16.11 -11.02
CA PHE A 428 -21.75 15.50 -10.55
C PHE A 428 -22.44 16.47 -9.61
N GLN A 429 -23.76 16.49 -9.67
CA GLN A 429 -24.47 17.37 -8.77
C GLN A 429 -25.56 16.52 -8.16
N LEU A 430 -25.55 16.52 -6.84
CA LEU A 430 -26.58 15.78 -6.08
C LEU A 430 -27.88 16.57 -6.14
N LEU A 431 -28.97 15.93 -6.49
CA LEU A 431 -30.22 16.68 -6.70
C LEU A 431 -31.07 16.80 -5.41
N ARG A 432 -30.45 17.16 -4.29
CA ARG A 432 -31.17 17.24 -2.99
C ARG A 432 -30.22 17.94 -2.04
N ASP A 433 -30.74 18.45 -0.91
CA ASP A 433 -29.92 19.31 -0.02
C ASP A 433 -28.82 18.61 0.69
N GLU A 434 -28.99 17.31 0.96
CA GLU A 434 -28.07 16.56 1.84
C GLU A 434 -27.69 15.21 1.21
N VAL A 435 -26.49 14.72 1.56
CA VAL A 435 -26.09 13.31 1.28
C VAL A 435 -27.20 12.41 1.82
N PRO A 436 -27.64 11.41 1.04
CA PRO A 436 -28.78 10.55 1.44
C PRO A 436 -28.69 9.97 2.85
N ASP A 437 -29.84 9.57 3.38
CA ASP A 437 -29.92 8.75 4.58
C ASP A 437 -29.53 7.29 4.30
N PRO A 438 -28.82 6.63 5.23
CA PRO A 438 -28.63 5.16 5.01
C PRO A 438 -29.97 4.49 5.11
N ASP A 439 -30.22 3.46 4.30
CA ASP A 439 -31.44 2.68 4.38
C ASP A 439 -31.12 1.33 5.01
N TYR A 440 -31.41 1.21 6.31
CA TYR A 440 -31.05 0.07 7.16
C TYR A 440 -31.94 -1.13 6.95
N HIS A 441 -32.92 -1.02 6.06
CA HIS A 441 -33.88 -2.10 5.80
C HIS A 441 -33.41 -3.25 4.91
N THR A 442 -32.18 -3.15 4.36
CA THR A 442 -31.64 -4.24 3.51
C THR A 442 -30.46 -4.84 4.27
N MET A 443 -30.24 -6.12 4.04
CA MET A 443 -29.21 -6.83 4.73
C MET A 443 -27.80 -6.23 4.54
N VAL A 444 -27.51 -5.71 3.35
CA VAL A 444 -26.28 -4.90 3.10
C VAL A 444 -26.83 -3.47 2.90
N VAL A 445 -26.27 -2.54 3.66
CA VAL A 445 -26.86 -1.22 3.88
C VAL A 445 -26.12 -0.24 3.02
N GLY A 446 -26.87 0.52 2.22
CA GLY A 446 -26.33 1.62 1.43
C GLY A 446 -27.21 2.84 1.52
N PRO A 447 -26.91 3.86 0.70
CA PRO A 447 -27.75 5.08 0.69
C PRO A 447 -29.16 4.78 0.18
N THR A 448 -30.14 5.53 0.68
CA THR A 448 -31.50 5.27 0.29
C THR A 448 -31.58 5.49 -1.19
N LEU A 449 -32.06 4.47 -1.88
CA LEU A 449 -32.11 4.44 -3.33
C LEU A 449 -32.75 5.64 -4.03
N ASN A 450 -33.94 6.04 -3.60
CA ASN A 450 -34.59 7.20 -4.25
C ASN A 450 -34.03 8.50 -3.83
N GLN A 451 -33.01 8.51 -3.00
CA GLN A 451 -32.27 9.75 -2.75
C GLN A 451 -30.95 9.83 -3.56
N CYS A 452 -30.68 8.85 -4.40
CA CYS A 452 -29.41 8.87 -5.11
C CYS A 452 -29.45 9.46 -6.53
N LEU A 453 -30.44 10.31 -6.85
CA LEU A 453 -30.50 10.97 -8.17
C LEU A 453 -29.48 12.08 -8.23
N VAL A 454 -28.73 12.04 -9.31
CA VAL A 454 -27.60 12.87 -9.51
C VAL A 454 -27.62 13.41 -10.98
N LYS A 455 -27.23 14.64 -11.16
CA LYS A 455 -27.04 15.13 -12.49
C LYS A 455 -25.52 15.05 -12.83
N TYR A 456 -25.18 14.35 -13.91
CA TYR A 456 -23.77 14.41 -14.42
C TYR A 456 -23.62 15.55 -15.45
N THR A 457 -22.44 16.12 -15.52
CA THR A 457 -22.07 17.14 -16.52
C THR A 457 -20.75 16.64 -17.10
N ARG A 458 -20.75 16.40 -18.40
CA ARG A 458 -19.59 15.96 -19.09
C ARG A 458 -18.69 17.18 -19.15
N LYS A 459 -17.41 17.02 -18.79
CA LYS A 459 -16.48 18.12 -18.87
C LYS A 459 -16.19 18.56 -20.30
N LYS A 460 -16.21 17.61 -21.23
CA LYS A 460 -16.09 18.00 -22.64
C LYS A 460 -17.47 18.12 -23.29
N LYS A 461 -17.86 19.36 -23.59
CA LYS A 461 -19.19 19.76 -24.15
C LYS A 461 -20.12 20.23 -23.04
N PRO B 12 0.11 3.24 31.80
CA PRO B 12 0.78 3.50 30.48
C PRO B 12 2.16 2.77 30.33
N THR B 13 2.24 1.66 29.58
CA THR B 13 3.46 0.81 29.63
C THR B 13 4.62 1.05 28.56
N ASP B 14 5.81 1.36 29.09
CA ASP B 14 7.07 1.47 28.31
C ASP B 14 7.50 0.22 27.55
N PRO B 15 8.21 0.39 26.41
CA PRO B 15 8.61 -0.88 25.78
C PRO B 15 9.78 -1.52 26.56
N PRO B 16 10.01 -2.83 26.38
CA PRO B 16 11.13 -3.40 27.13
C PRO B 16 12.47 -2.82 26.65
N VAL B 17 13.41 -2.68 27.58
CA VAL B 17 14.67 -2.02 27.32
C VAL B 17 15.77 -3.09 27.26
N TYR B 18 16.56 -3.11 26.20
CA TYR B 18 17.68 -4.03 26.15
C TYR B 18 18.75 -3.50 27.11
N PRO B 19 19.36 -4.39 27.95
CA PRO B 19 20.32 -3.97 28.98
C PRO B 19 21.62 -3.38 28.46
N VAL B 20 22.08 -2.34 29.15
CA VAL B 20 23.22 -1.54 28.81
C VAL B 20 24.35 -1.85 29.81
N THR B 21 25.53 -2.04 29.26
CA THR B 21 26.75 -2.36 29.99
C THR B 21 27.69 -1.13 30.09
N VAL B 22 27.77 -0.34 29.03
CA VAL B 22 28.62 0.83 29.06
C VAL B 22 27.69 1.99 28.79
N PRO B 23 27.21 2.67 29.86
CA PRO B 23 26.25 3.80 29.74
C PRO B 23 26.63 4.78 28.66
N PHE B 24 27.92 5.12 28.56
CA PHE B 24 28.39 6.07 27.57
C PHE B 24 28.17 5.70 26.08
N LEU B 25 28.17 4.41 25.78
CA LEU B 25 28.07 3.95 24.41
C LEU B 25 26.63 3.48 24.10
N GLY B 26 25.99 2.91 25.12
CA GLY B 26 24.81 2.12 24.93
C GLY B 26 25.14 0.92 24.03
N HIS B 27 24.32 0.71 22.99
CA HIS B 27 24.57 -0.39 22.09
C HIS B 27 25.10 0.09 20.75
N ILE B 28 25.80 1.22 20.69
CA ILE B 28 26.13 1.78 19.38
C ILE B 28 27.10 0.87 18.68
N VAL B 29 28.00 0.31 19.47
CA VAL B 29 29.00 -0.63 18.97
C VAL B 29 28.42 -1.99 18.60
N GLN B 30 27.48 -2.51 19.38
CA GLN B 30 26.85 -3.80 19.03
C GLN B 30 26.00 -3.70 17.78
N PHE B 31 25.19 -2.66 17.69
CA PHE B 31 24.43 -2.36 16.48
C PHE B 31 25.45 -2.15 15.32
N GLY B 32 26.51 -1.37 15.53
CA GLY B 32 27.49 -1.06 14.45
C GLY B 32 28.12 -2.29 13.81
N LYS B 33 28.56 -3.27 14.64
CA LYS B 33 29.19 -4.52 14.17
C LYS B 33 28.28 -5.35 13.26
N ASN B 34 27.02 -5.48 13.65
CA ASN B 34 26.09 -6.22 12.85
C ASN B 34 24.63 -5.82 13.11
N PRO B 35 24.14 -4.82 12.38
CA PRO B 35 22.81 -4.28 12.70
C PRO B 35 21.69 -5.32 12.66
N LEU B 36 21.65 -6.13 11.60
CA LEU B 36 20.56 -7.13 11.48
C LEU B 36 20.51 -8.11 12.65
N GLU B 37 21.65 -8.75 12.92
CA GLU B 37 21.73 -9.79 13.97
C GLU B 37 21.47 -9.21 15.34
N PHE B 38 21.94 -7.98 15.59
CA PHE B 38 21.69 -7.36 16.89
C PHE B 38 20.18 -7.06 17.09
N MET B 39 19.54 -6.42 16.10
CA MET B 39 18.11 -6.13 16.22
C MET B 39 17.25 -7.39 16.29
N GLN B 40 17.63 -8.41 15.53
CA GLN B 40 16.92 -9.68 15.62
C GLN B 40 17.11 -10.29 16.99
N ARG B 41 18.33 -10.22 17.52
CA ARG B 41 18.59 -10.68 18.90
C ARG B 41 17.67 -9.99 19.90
N CYS B 42 17.59 -8.66 19.87
CA CYS B 42 16.74 -7.88 20.77
C CYS B 42 15.29 -8.30 20.63
N LYS B 43 14.80 -8.40 19.39
CA LYS B 43 13.38 -8.77 19.19
C LYS B 43 13.07 -10.22 19.69
N ARG B 44 14.03 -11.15 19.57
CA ARG B 44 13.88 -12.52 20.09
C ARG B 44 13.88 -12.54 21.59
N ASP B 45 14.98 -12.08 22.20
CA ASP B 45 15.21 -12.13 23.63
C ASP B 45 14.30 -11.28 24.49
N LEU B 46 13.79 -10.17 23.94
CA LEU B 46 12.90 -9.30 24.71
C LEU B 46 11.47 -9.68 24.38
N LYS B 47 11.33 -10.60 23.45
CA LYS B 47 10.02 -11.12 23.03
C LYS B 47 9.02 -10.05 22.60
N SER B 48 9.46 -9.12 21.75
CA SER B 48 8.60 -8.01 21.34
C SER B 48 9.09 -7.40 20.04
N GLY B 49 8.16 -7.07 19.15
CA GLY B 49 8.52 -6.28 17.96
C GLY B 49 8.93 -4.82 18.25
N VAL B 50 8.47 -4.30 19.38
CA VAL B 50 8.74 -2.93 19.82
C VAL B 50 9.58 -2.93 21.11
N PHE B 51 10.75 -2.34 21.03
CA PHE B 51 11.72 -2.40 22.10
C PHE B 51 12.63 -1.14 22.04
N THR B 52 13.36 -0.88 23.13
CA THR B 52 14.18 0.28 23.23
C THR B 52 15.68 -0.10 23.36
N ILE B 53 16.54 0.51 22.54
CA ILE B 53 17.96 0.38 22.75
C ILE B 53 18.51 1.77 23.13
N SER B 54 19.81 1.88 23.37
CA SER B 54 20.41 3.16 23.70
C SER B 54 21.51 3.35 22.71
N ILE B 55 21.60 4.56 22.16
CA ILE B 55 22.75 4.96 21.30
C ILE B 55 23.37 6.15 21.95
N GLY B 56 24.58 6.05 22.46
CA GLY B 56 25.21 7.16 23.22
C GLY B 56 24.51 7.59 24.51
N GLY B 57 23.60 6.78 25.04
CA GLY B 57 22.76 7.21 26.19
C GLY B 57 21.38 7.70 25.76
N GLN B 58 21.19 7.90 24.45
CA GLN B 58 19.87 8.31 23.92
C GLN B 58 18.99 7.06 23.72
N ARG B 59 17.82 7.02 24.35
CA ARG B 59 16.82 5.97 24.06
C ARG B 59 16.34 6.05 22.60
N VAL B 60 16.42 4.91 21.93
CA VAL B 60 15.88 4.67 20.60
C VAL B 60 14.89 3.48 20.64
N THR B 61 13.60 3.75 20.47
CA THR B 61 12.57 2.77 20.41
C THR B 61 12.34 2.37 18.93
N ILE B 62 12.66 1.13 18.61
CA ILE B 62 12.50 0.54 17.33
C ILE B 62 11.14 -0.12 17.24
N VAL B 63 10.35 0.31 16.24
CA VAL B 63 9.09 -0.30 15.91
C VAL B 63 9.39 -1.44 14.92
N GLY B 64 9.67 -2.62 15.46
CA GLY B 64 10.09 -3.77 14.67
C GLY B 64 8.93 -4.71 14.33
N ASP B 65 7.70 -4.26 14.56
CA ASP B 65 6.50 -5.01 14.18
C ASP B 65 5.92 -4.41 12.89
N PRO B 66 6.00 -5.16 11.79
CA PRO B 66 5.50 -4.62 10.54
C PRO B 66 4.05 -4.27 10.61
N HIS B 67 3.29 -4.90 11.51
CA HIS B 67 1.86 -4.48 11.69
C HIS B 67 1.75 -3.07 12.23
N GLU B 68 2.79 -2.58 12.91
CA GLU B 68 2.71 -1.23 13.49
C GLU B 68 3.29 -0.09 12.63
N HIS B 69 3.65 -0.34 11.38
CA HIS B 69 4.34 0.66 10.57
C HIS B 69 3.68 2.01 10.50
N SER B 70 2.36 2.01 10.28
CA SER B 70 1.72 3.31 10.16
C SER B 70 1.74 4.17 11.44
N ARG B 71 1.96 3.58 12.60
CA ARG B 71 2.20 4.41 13.80
C ARG B 71 3.46 5.26 13.71
N PHE B 72 4.40 4.83 12.89
CA PHE B 72 5.61 5.57 12.72
C PHE B 72 5.48 6.47 11.48
N PHE B 73 4.93 5.96 10.39
CA PHE B 73 5.00 6.70 9.11
C PHE B 73 3.92 7.77 8.93
N SER B 74 2.83 7.64 9.67
CA SER B 74 1.71 8.50 9.44
C SER B 74 1.63 9.83 10.16
N PRO B 75 2.22 9.94 11.40
CA PRO B 75 2.01 11.21 12.13
C PRO B 75 2.77 12.39 11.53
N ARG B 76 2.15 13.55 11.65
CA ARG B 76 2.77 14.81 11.14
C ARG B 76 4.07 15.16 11.88
N ASN B 77 4.82 16.11 11.30
CA ASN B 77 6.07 16.65 11.90
C ASN B 77 5.94 17.11 13.35
N GLU B 78 4.78 17.69 13.72
CA GLU B 78 4.51 18.16 15.11
C GLU B 78 4.50 17.06 16.14
N ILE B 79 4.16 15.86 15.72
CA ILE B 79 4.23 14.72 16.59
C ILE B 79 5.57 13.91 16.52
N LEU B 80 5.90 13.51 15.29
CA LEU B 80 7.16 12.77 15.05
C LEU B 80 8.04 13.62 14.15
N SER B 81 9.08 14.18 14.74
CA SER B 81 9.91 15.18 14.07
C SER B 81 11.22 14.64 13.44
N PRO B 82 11.36 14.66 12.11
CA PRO B 82 12.58 14.14 11.43
C PRO B 82 13.82 14.99 11.58
N ARG B 83 13.66 16.28 11.87
CA ARG B 83 14.78 17.21 11.66
C ARG B 83 15.92 16.95 12.62
N GLU B 84 15.61 16.51 13.85
CA GLU B 84 16.64 16.36 14.87
C GLU B 84 17.70 15.27 14.55
N VAL B 85 17.39 14.35 13.64
CA VAL B 85 18.37 13.30 13.32
C VAL B 85 19.28 13.71 12.18
N TYR B 86 19.02 14.85 11.54
CA TYR B 86 19.81 15.25 10.40
C TYR B 86 20.73 16.44 10.64
N THR B 87 21.07 16.69 11.90
N THR B 87 21.07 16.69 11.90
CA THR B 87 21.94 17.82 12.20
CA THR B 87 21.97 17.80 12.23
C THR B 87 23.27 17.79 11.42
C THR B 87 23.28 17.79 11.44
N ILE B 88 23.84 16.60 11.22
CA ILE B 88 25.09 16.44 10.43
C ILE B 88 25.00 16.84 8.93
N MET B 89 23.79 16.95 8.36
CA MET B 89 23.65 17.38 6.98
C MET B 89 23.68 18.89 6.80
N THR B 90 23.59 19.64 7.89
CA THR B 90 23.58 21.10 7.76
C THR B 90 24.68 21.78 6.87
N PRO B 91 25.96 21.39 7.02
CA PRO B 91 27.03 21.97 6.18
C PRO B 91 26.97 21.47 4.74
N VAL B 92 26.20 20.43 4.51
CA VAL B 92 26.16 19.85 3.19
C VAL B 92 25.02 20.52 2.42
N PHE B 93 23.79 20.40 2.90
CA PHE B 93 22.68 21.12 2.27
C PHE B 93 22.71 22.67 2.46
N GLY B 94 23.32 23.12 3.57
CA GLY B 94 23.45 24.57 3.90
C GLY B 94 22.49 25.02 4.98
N GLU B 95 22.91 26.00 5.82
CA GLU B 95 21.99 26.60 6.82
C GLU B 95 20.73 27.18 6.14
N GLY B 96 19.54 26.98 6.73
CA GLY B 96 18.29 27.50 6.13
C GLY B 96 17.80 26.65 4.99
N VAL B 97 18.48 25.53 4.73
CA VAL B 97 18.05 24.66 3.68
C VAL B 97 17.59 23.34 4.29
N ALA B 98 16.50 22.81 3.75
CA ALA B 98 16.01 21.46 4.09
C ALA B 98 15.83 21.29 5.60
N TYR B 99 16.63 20.45 6.26
CA TYR B 99 16.33 20.11 7.66
C TYR B 99 16.78 21.20 8.61
N ALA B 100 17.48 22.20 8.08
CA ALA B 100 18.04 23.32 8.87
C ALA B 100 17.24 24.59 8.59
N ALA B 101 16.18 24.43 7.79
CA ALA B 101 15.16 25.45 7.46
C ALA B 101 13.96 25.34 8.41
N PRO B 102 13.30 26.47 8.74
CA PRO B 102 12.07 26.25 9.52
C PRO B 102 11.12 25.25 8.83
N TYR B 103 10.35 24.50 9.61
CA TYR B 103 9.45 23.49 9.04
C TYR B 103 8.62 23.93 7.82
N PRO B 104 7.93 25.12 7.86
CA PRO B 104 7.15 25.42 6.62
C PRO B 104 8.03 25.66 5.38
N ARG B 105 9.17 26.32 5.54
CA ARG B 105 10.10 26.42 4.42
C ARG B 105 10.57 25.05 3.94
N MET B 106 10.89 24.21 4.90
CA MET B 106 11.40 22.88 4.62
C MET B 106 10.39 22.14 3.72
N ARG B 107 9.12 22.20 4.06
CA ARG B 107 8.09 21.62 3.20
C ARG B 107 7.95 22.25 1.79
N GLU B 108 8.20 23.55 1.65
CA GLU B 108 8.01 24.11 0.32
C GLU B 108 9.22 23.69 -0.51
N GLN B 109 10.39 23.75 0.09
CA GLN B 109 11.61 23.40 -0.62
C GLN B 109 11.59 21.92 -1.09
N LEU B 110 11.20 21.00 -0.22
CA LEU B 110 11.13 19.61 -0.65
C LEU B 110 10.05 19.45 -1.70
N ASN B 111 8.97 20.21 -1.61
CA ASN B 111 7.92 20.04 -2.56
C ASN B 111 8.34 20.59 -3.92
N PHE B 112 9.18 21.64 -3.95
CA PHE B 112 9.70 22.13 -5.23
C PHE B 112 10.58 21.07 -5.90
N LEU B 113 11.43 20.46 -5.11
CA LEU B 113 12.29 19.42 -5.61
C LEU B 113 11.45 18.25 -6.11
N ALA B 114 10.41 17.91 -5.36
CA ALA B 114 9.49 16.82 -5.74
C ALA B 114 8.85 17.03 -7.08
N GLU B 115 8.51 18.28 -7.41
CA GLU B 115 7.88 18.61 -8.72
C GLU B 115 8.81 18.44 -9.90
N GLU B 116 10.12 18.64 -9.69
CA GLU B 116 11.13 18.39 -10.75
C GLU B 116 11.43 16.87 -11.03
N LEU B 117 10.89 15.96 -10.20
CA LEU B 117 11.19 14.51 -10.33
C LEU B 117 9.92 13.76 -10.58
N THR B 118 8.92 14.45 -11.12
CA THR B 118 7.69 13.79 -11.45
C THR B 118 7.73 13.23 -12.88
N ILE B 119 6.77 12.37 -13.14
CA ILE B 119 6.53 11.70 -14.43
C ILE B 119 6.40 12.66 -15.65
N ALA B 120 5.85 13.86 -15.50
CA ALA B 120 5.76 14.79 -16.65
C ALA B 120 7.15 15.32 -17.09
N LYS B 121 8.12 15.28 -16.16
CA LYS B 121 9.49 15.70 -16.44
C LYS B 121 10.30 14.64 -17.17
N PHE B 122 9.77 13.41 -17.26
CA PHE B 122 10.49 12.25 -17.79
C PHE B 122 10.49 12.10 -19.34
N GLN B 123 9.85 13.04 -20.03
CA GLN B 123 9.75 13.07 -21.51
C GLN B 123 10.91 12.45 -22.31
N ASN B 124 12.09 13.04 -22.15
CA ASN B 124 13.31 12.60 -22.88
C ASN B 124 14.34 11.95 -21.94
N PHE B 125 13.90 11.49 -20.76
CA PHE B 125 14.83 10.87 -19.82
C PHE B 125 15.39 9.52 -20.29
N VAL B 126 14.52 8.67 -20.84
CA VAL B 126 14.94 7.29 -21.23
C VAL B 126 16.05 7.35 -22.30
N PRO B 127 15.90 8.21 -23.36
CA PRO B 127 17.04 8.37 -24.28
C PRO B 127 18.28 8.99 -23.66
N ALA B 128 18.12 9.96 -22.77
CA ALA B 128 19.29 10.51 -22.12
C ALA B 128 20.02 9.40 -21.31
N ILE B 129 19.27 8.53 -20.64
CA ILE B 129 19.86 7.47 -19.84
C ILE B 129 20.52 6.35 -20.72
N GLN B 130 19.87 5.90 -21.78
CA GLN B 130 20.50 4.88 -22.68
C GLN B 130 21.77 5.40 -23.32
N HIS B 131 21.72 6.67 -23.75
CA HIS B 131 22.91 7.32 -24.31
C HIS B 131 24.13 7.32 -23.38
N GLU B 132 23.94 7.74 -22.12
CA GLU B 132 25.06 7.71 -21.13
C GLU B 132 25.51 6.29 -20.77
N VAL B 133 24.62 5.32 -20.63
CA VAL B 133 25.05 3.96 -20.35
C VAL B 133 25.83 3.39 -21.55
N ARG B 134 25.35 3.62 -22.78
CA ARG B 134 26.12 3.29 -24.00
C ARG B 134 27.47 3.93 -24.11
N LYS B 135 27.51 5.22 -23.82
CA LYS B 135 28.79 5.94 -23.81
C LYS B 135 29.76 5.30 -22.77
N PHE B 136 29.25 5.12 -21.55
CA PHE B 136 30.08 4.44 -20.55
C PHE B 136 30.56 3.02 -20.96
N MET B 137 29.68 2.20 -21.51
CA MET B 137 30.08 0.85 -21.81
C MET B 137 31.13 0.87 -22.95
N ALA B 138 30.97 1.74 -23.95
CA ALA B 138 31.96 1.87 -25.04
C ALA B 138 33.30 2.41 -24.57
N GLU B 139 33.31 3.29 -23.57
CA GLU B 139 34.56 3.90 -23.12
C GLU B 139 35.31 2.93 -22.19
N ASN B 140 34.57 2.19 -21.37
CA ASN B 140 35.15 1.39 -20.28
C ASN B 140 35.14 -0.11 -20.45
N TRP B 141 34.13 -0.66 -21.10
CA TRP B 141 34.03 -2.11 -21.33
C TRP B 141 34.45 -2.39 -22.78
N LYS B 142 35.67 -1.91 -23.06
CA LYS B 142 36.33 -1.88 -24.37
C LYS B 142 36.62 -3.20 -25.10
N GLU B 143 36.96 -4.28 -24.38
CA GLU B 143 37.40 -5.55 -25.01
C GLU B 143 36.22 -6.46 -25.23
N ASP B 144 36.44 -7.62 -25.84
CA ASP B 144 35.41 -8.67 -25.92
C ASP B 144 35.08 -9.25 -24.56
N GLU B 145 36.05 -9.18 -23.65
CA GLU B 145 35.83 -9.50 -22.26
C GLU B 145 36.85 -8.89 -21.35
N GLY B 146 36.46 -8.69 -20.11
CA GLY B 146 37.26 -7.94 -19.22
C GLY B 146 36.64 -8.04 -17.85
N VAL B 147 37.43 -7.64 -16.87
CA VAL B 147 37.02 -7.71 -15.51
C VAL B 147 36.83 -6.28 -14.94
N ILE B 148 35.74 -6.08 -14.22
CA ILE B 148 35.41 -4.78 -13.71
C ILE B 148 34.88 -4.96 -12.27
N ASN B 149 34.93 -3.85 -11.53
CA ASN B 149 34.23 -3.75 -10.27
C ASN B 149 32.82 -3.22 -10.57
N LEU B 150 31.83 -4.09 -10.46
CA LEU B 150 30.49 -3.73 -10.79
C LEU B 150 29.92 -2.55 -9.93
N LEU B 151 30.23 -2.56 -8.64
CA LEU B 151 29.84 -1.49 -7.74
C LEU B 151 30.35 -0.12 -8.16
N GLU B 152 31.65 0.01 -8.44
CA GLU B 152 32.24 1.27 -8.92
C GLU B 152 31.71 1.69 -10.33
N ASP B 153 31.42 0.72 -11.21
CA ASP B 153 30.96 1.05 -12.56
C ASP B 153 29.47 1.44 -12.52
N CYS B 154 28.65 0.80 -11.67
CA CYS B 154 27.26 1.29 -11.52
C CYS B 154 27.18 2.73 -10.96
N GLY B 155 28.11 3.06 -10.05
CA GLY B 155 28.32 4.40 -9.45
C GLY B 155 28.53 5.46 -10.54
N ALA B 156 29.49 5.19 -11.44
CA ALA B 156 29.75 6.08 -12.57
C ALA B 156 28.46 6.18 -13.42
N MET B 157 27.82 5.08 -13.71
CA MET B 157 26.65 5.17 -14.58
C MET B 157 25.49 5.94 -13.92
N ILE B 158 25.24 5.69 -12.63
CA ILE B 158 24.17 6.41 -11.90
C ILE B 158 24.40 7.94 -11.96
N ILE B 159 25.59 8.37 -11.62
CA ILE B 159 25.86 9.83 -11.67
C ILE B 159 25.81 10.40 -13.13
N ASN B 160 26.50 9.72 -14.06
CA ASN B 160 26.45 10.18 -15.46
C ASN B 160 25.08 10.26 -16.01
N THR B 161 24.25 9.27 -15.73
CA THR B 161 22.89 9.25 -16.31
C THR B 161 22.00 10.32 -15.64
N ALA B 162 22.21 10.55 -14.35
CA ALA B 162 21.42 11.53 -13.61
C ALA B 162 21.73 12.96 -14.07
N CYS B 163 23.00 13.24 -14.34
CA CYS B 163 23.37 14.58 -14.87
C CYS B 163 22.78 14.78 -16.25
N GLN B 164 22.78 13.71 -17.06
CA GLN B 164 22.31 13.84 -18.39
C GLN B 164 20.84 14.13 -18.40
N CYS B 165 20.11 13.60 -17.41
CA CYS B 165 18.65 13.85 -17.33
C CYS B 165 18.37 15.22 -16.74
N LEU B 166 19.09 15.61 -15.71
CA LEU B 166 18.58 16.67 -14.86
C LEU B 166 19.24 18.02 -15.16
N PHE B 167 20.45 17.99 -15.72
CA PHE B 167 21.19 19.21 -16.08
C PHE B 167 21.32 19.49 -17.54
N GLY B 168 21.08 20.76 -17.86
CA GLY B 168 21.23 21.33 -19.21
C GLY B 168 22.67 21.27 -19.68
N GLU B 169 22.82 21.31 -21.00
CA GLU B 169 24.14 21.27 -21.62
C GLU B 169 25.06 22.38 -21.11
N ASP B 170 24.55 23.60 -20.91
CA ASP B 170 25.37 24.70 -20.38
C ASP B 170 26.00 24.37 -19.04
N LEU B 171 25.21 23.80 -18.11
CA LEU B 171 25.71 23.39 -16.83
C LEU B 171 26.72 22.22 -16.96
N ARG B 172 26.41 21.23 -17.81
CA ARG B 172 27.26 20.05 -17.97
C ARG B 172 28.64 20.42 -18.59
N LYS B 173 28.66 21.45 -19.47
CA LYS B 173 29.93 22.08 -19.93
C LYS B 173 30.79 22.65 -18.81
N ARG B 174 30.19 23.25 -17.78
CA ARG B 174 30.95 23.87 -16.71
C ARG B 174 31.28 22.90 -15.60
N LEU B 175 30.50 21.82 -15.49
CA LEU B 175 30.60 20.90 -14.37
C LEU B 175 30.21 19.52 -14.83
N ASN B 176 31.17 18.74 -15.33
CA ASN B 176 30.84 17.44 -15.88
C ASN B 176 30.59 16.43 -14.75
N ALA B 177 30.11 15.28 -15.14
CA ALA B 177 29.58 14.31 -14.19
C ALA B 177 30.67 13.84 -13.26
N ARG B 178 31.88 13.60 -13.80
CA ARG B 178 32.96 13.06 -12.95
C ARG B 178 33.42 14.05 -11.87
N HIS B 179 33.51 15.31 -12.25
CA HIS B 179 33.85 16.36 -11.34
C HIS B 179 32.72 16.70 -10.34
N PHE B 180 31.45 16.68 -10.78
CA PHE B 180 30.32 16.69 -9.85
C PHE B 180 30.49 15.58 -8.80
N ALA B 181 30.72 14.35 -9.28
CA ALA B 181 30.92 13.21 -8.42
C ALA B 181 32.01 13.49 -7.41
N GLN B 182 33.09 14.14 -7.83
CA GLN B 182 34.18 14.46 -6.90
C GLN B 182 33.84 15.46 -5.80
N LEU B 183 33.23 16.58 -6.16
CA LEU B 183 32.62 17.51 -5.19
C LEU B 183 31.68 16.83 -4.18
N LEU B 184 30.79 15.97 -4.69
CA LEU B 184 29.88 15.18 -3.89
C LEU B 184 30.61 14.28 -2.89
N SER B 185 31.69 13.59 -3.32
CA SER B 185 32.40 12.73 -2.35
C SER B 185 33.20 13.54 -1.31
N LYS B 186 33.80 14.66 -1.69
CA LYS B 186 34.40 15.59 -0.70
C LYS B 186 33.41 16.12 0.35
N MET B 187 32.17 16.37 -0.04
CA MET B 187 31.16 16.86 0.91
C MET B 187 30.82 15.70 1.85
N GLU B 188 30.62 14.53 1.29
CA GLU B 188 30.20 13.41 2.07
C GLU B 188 31.31 12.81 2.95
N SER B 189 32.57 12.96 2.57
CA SER B 189 33.66 12.28 3.29
C SER B 189 33.92 12.98 4.63
N SER B 190 33.29 14.13 4.84
CA SER B 190 33.50 14.85 6.06
C SER B 190 32.45 14.48 7.10
N LEU B 191 31.46 13.66 6.72
CA LEU B 191 30.38 13.38 7.63
C LEU B 191 30.78 12.37 8.69
N ILE B 192 30.39 12.63 9.94
CA ILE B 192 30.60 11.66 11.00
C ILE B 192 29.18 11.23 11.39
N PRO B 193 28.73 10.13 10.81
CA PRO B 193 27.35 9.62 10.98
C PRO B 193 26.90 9.56 12.44
N ALA B 194 27.76 9.00 13.26
CA ALA B 194 27.48 8.79 14.69
C ALA B 194 27.44 10.10 15.51
N ALA B 195 27.83 11.24 14.94
CA ALA B 195 27.81 12.47 15.71
C ALA B 195 26.39 12.94 15.95
N VAL B 196 25.40 12.33 15.31
CA VAL B 196 24.05 12.80 15.59
C VAL B 196 23.70 12.54 17.05
N PHE B 197 24.16 11.41 17.58
CA PHE B 197 23.87 11.02 18.96
C PHE B 197 25.07 11.24 19.88
N MET B 198 26.27 11.39 19.32
CA MET B 198 27.42 11.66 20.15
C MET B 198 28.18 12.88 19.60
N PRO B 199 27.67 14.12 19.90
CA PRO B 199 28.29 15.30 19.26
C PRO B 199 29.75 15.46 19.64
N TRP B 200 30.17 14.96 20.80
CA TRP B 200 31.55 15.15 21.19
C TRP B 200 32.56 14.56 20.17
N LEU B 201 32.10 13.63 19.32
CA LEU B 201 32.95 12.99 18.26
C LEU B 201 33.55 14.03 17.31
N LEU B 202 32.83 15.12 17.10
CA LEU B 202 33.30 16.30 16.35
C LEU B 202 34.58 16.99 16.86
N ARG B 203 34.96 16.74 18.11
CA ARG B 203 36.16 17.30 18.72
C ARG B 203 37.42 16.40 18.49
N LEU B 204 37.23 15.18 17.98
CA LEU B 204 38.37 14.30 17.82
C LEU B 204 39.15 14.73 16.58
N PRO B 205 40.46 14.53 16.59
CA PRO B 205 41.24 15.00 15.43
C PRO B 205 40.91 14.23 14.17
N LEU B 206 40.97 14.92 13.04
CA LEU B 206 40.85 14.31 11.71
C LEU B 206 42.20 13.87 11.11
N PRO B 207 42.19 12.81 10.26
CA PRO B 207 43.44 12.53 9.53
C PRO B 207 43.85 13.59 8.45
N GLN B 208 42.89 14.31 7.86
CA GLN B 208 43.20 15.37 6.91
C GLN B 208 42.09 16.43 7.03
N SER B 209 42.35 17.61 6.50
CA SER B 209 41.36 18.66 6.53
C SER B 209 40.08 18.22 5.79
N ALA B 210 38.93 18.59 6.35
CA ALA B 210 37.62 18.35 5.70
C ALA B 210 37.42 19.36 4.57
N ARG B 211 36.85 18.88 3.48
CA ARG B 211 36.77 19.63 2.26
C ARG B 211 35.31 19.97 1.92
N CYS B 212 34.41 19.70 2.85
CA CYS B 212 32.98 19.82 2.58
C CYS B 212 32.51 21.24 2.19
N ARG B 213 32.98 22.20 2.96
N ARG B 213 32.91 22.24 2.95
CA ARG B 213 32.49 23.56 2.89
CA ARG B 213 32.29 23.53 2.70
C ARG B 213 32.97 24.17 1.56
C ARG B 213 32.96 24.21 1.50
N GLU B 214 34.20 23.84 1.21
CA GLU B 214 34.89 24.27 0.01
C GLU B 214 34.28 23.64 -1.25
N ALA B 215 33.95 22.36 -1.21
CA ALA B 215 33.30 21.71 -2.31
C ALA B 215 31.91 22.34 -2.54
N ARG B 216 31.19 22.61 -1.46
CA ARG B 216 29.85 23.19 -1.58
C ARG B 216 29.98 24.61 -2.17
N ALA B 217 30.95 25.36 -1.66
CA ALA B 217 31.18 26.75 -2.15
C ALA B 217 31.54 26.77 -3.64
N GLU B 218 32.36 25.82 -4.10
CA GLU B 218 32.76 25.74 -5.49
C GLU B 218 31.55 25.39 -6.38
N LEU B 219 30.72 24.46 -5.92
CA LEU B 219 29.48 24.16 -6.64
C LEU B 219 28.57 25.41 -6.69
N GLN B 220 28.48 26.14 -5.58
CA GLN B 220 27.55 27.24 -5.58
C GLN B 220 28.07 28.33 -6.53
N LYS B 221 29.38 28.49 -6.57
CA LYS B 221 29.95 29.54 -7.43
C LYS B 221 29.66 29.20 -8.89
N ILE B 222 29.86 27.96 -9.28
CA ILE B 222 29.49 27.49 -10.60
C ILE B 222 28.04 27.73 -10.94
N LEU B 223 27.15 27.48 -9.99
CA LEU B 223 25.71 27.60 -10.30
C LEU B 223 25.39 29.07 -10.47
N GLY B 224 26.01 29.92 -9.66
CA GLY B 224 25.80 31.34 -9.75
C GLY B 224 26.21 31.86 -11.14
N GLU B 225 27.34 31.35 -11.64
CA GLU B 225 27.82 31.77 -12.96
C GLU B 225 26.90 31.32 -14.05
N ILE B 226 26.29 30.13 -13.95
CA ILE B 226 25.32 29.67 -14.97
C ILE B 226 24.01 30.47 -14.94
N ILE B 227 23.60 30.85 -13.75
CA ILE B 227 22.35 31.53 -13.58
C ILE B 227 22.52 32.92 -14.20
N VAL B 228 23.62 33.60 -13.85
CA VAL B 228 23.91 34.91 -14.45
C VAL B 228 23.91 34.83 -16.00
N ALA B 229 24.49 33.76 -16.55
CA ALA B 229 24.59 33.58 -17.99
C ALA B 229 23.25 33.29 -18.64
N ARG B 230 22.41 32.47 -17.99
CA ARG B 230 21.05 32.24 -18.48
C ARG B 230 20.19 33.49 -18.41
N GLU B 231 20.37 34.31 -17.37
CA GLU B 231 19.59 35.53 -17.21
C GLU B 231 19.87 36.51 -18.34
N LYS B 232 21.13 36.52 -18.79
CA LYS B 232 21.65 37.42 -19.80
C LYS B 232 21.26 37.02 -21.22
N GLU B 233 20.60 35.87 -21.42
CA GLU B 233 20.57 35.25 -22.75
C GLU B 233 19.42 35.75 -23.60
N THR B 241 16.16 26.17 -19.95
CA THR B 241 15.08 26.83 -19.21
C THR B 241 14.18 25.83 -18.41
N SER B 242 14.44 24.52 -18.59
CA SER B 242 13.57 23.54 -17.99
C SER B 242 14.30 22.29 -17.55
N ASP B 243 15.60 22.38 -17.30
CA ASP B 243 16.30 21.32 -16.56
C ASP B 243 15.90 21.41 -15.04
N LEU B 244 16.58 20.70 -14.18
CA LEU B 244 16.28 20.75 -12.75
C LEU B 244 16.62 22.14 -12.15
N LEU B 245 17.78 22.67 -12.51
CA LEU B 245 18.16 24.04 -12.19
C LEU B 245 17.12 25.06 -12.58
N GLY B 246 16.68 25.03 -13.84
CA GLY B 246 15.67 25.91 -14.40
C GLY B 246 14.33 25.84 -13.65
N GLY B 247 13.90 24.67 -13.26
CA GLY B 247 12.71 24.53 -12.46
C GLY B 247 12.92 25.22 -11.11
N LEU B 248 14.08 25.02 -10.49
CA LEU B 248 14.31 25.60 -9.15
C LEU B 248 14.41 27.12 -9.25
N LEU B 249 14.79 27.63 -10.44
CA LEU B 249 14.93 29.09 -10.61
C LEU B 249 13.56 29.77 -10.77
N LYS B 250 12.53 29.01 -11.06
CA LYS B 250 11.20 29.55 -11.11
C LYS B 250 10.50 29.43 -9.73
N ALA B 251 11.09 28.75 -8.75
CA ALA B 251 10.35 28.51 -7.48
C ALA B 251 10.18 29.84 -6.70
N VAL B 252 8.96 30.10 -6.26
CA VAL B 252 8.64 31.30 -5.44
C VAL B 252 7.81 30.74 -4.29
N TYR B 253 8.21 31.04 -3.05
CA TYR B 253 7.43 30.58 -1.89
C TYR B 253 6.05 31.23 -1.83
N ARG B 254 5.24 30.72 -0.95
CA ARG B 254 3.95 31.35 -0.63
C ARG B 254 3.99 32.81 -0.27
N ASP B 255 5.09 33.26 0.36
CA ASP B 255 5.26 34.67 0.77
C ASP B 255 5.76 35.58 -0.36
N GLY B 256 5.96 35.00 -1.56
CA GLY B 256 6.38 35.76 -2.73
C GLY B 256 7.88 35.98 -2.82
N THR B 257 8.66 35.32 -1.95
CA THR B 257 10.17 35.36 -2.04
C THR B 257 10.67 34.29 -2.99
N ARG B 258 11.56 34.66 -3.93
CA ARG B 258 12.29 33.67 -4.71
C ARG B 258 13.16 32.72 -3.88
N MET B 259 13.20 31.45 -4.26
CA MET B 259 14.20 30.52 -3.69
C MET B 259 15.59 31.07 -3.98
N SER B 260 16.50 31.07 -3.03
CA SER B 260 17.73 31.83 -3.30
C SER B 260 18.80 30.92 -3.91
N LEU B 261 19.91 31.50 -4.35
CA LEU B 261 21.00 30.73 -4.94
C LEU B 261 21.54 29.70 -3.96
N HIS B 262 21.58 30.08 -2.68
CA HIS B 262 22.04 29.20 -1.60
C HIS B 262 21.13 28.00 -1.45
N GLU B 263 19.79 28.22 -1.47
CA GLU B 263 18.84 27.13 -1.34
C GLU B 263 18.80 26.26 -2.59
N VAL B 264 18.89 26.86 -3.81
CA VAL B 264 18.84 26.11 -5.04
C VAL B 264 20.04 25.13 -5.03
N CYS B 265 21.21 25.62 -4.63
CA CYS B 265 22.40 24.79 -4.53
C CYS B 265 22.17 23.65 -3.50
N GLY B 266 21.69 24.01 -2.30
CA GLY B 266 21.23 23.00 -1.34
C GLY B 266 20.31 21.92 -1.88
N MET B 267 19.26 22.31 -2.60
CA MET B 267 18.32 21.32 -3.09
C MET B 267 18.98 20.40 -4.16
N ILE B 268 19.91 20.94 -4.95
CA ILE B 268 20.57 20.22 -6.03
C ILE B 268 21.49 19.17 -5.39
N VAL B 269 22.27 19.61 -4.41
CA VAL B 269 23.08 18.72 -3.63
C VAL B 269 22.21 17.62 -3.03
N ALA B 270 21.05 17.96 -2.44
CA ALA B 270 20.27 16.92 -1.75
C ALA B 270 19.77 15.90 -2.74
N ALA B 271 19.36 16.37 -3.91
CA ALA B 271 18.86 15.47 -4.90
C ALA B 271 19.97 14.50 -5.36
N MET B 272 21.15 15.04 -5.65
CA MET B 272 22.20 14.23 -6.22
C MET B 272 22.75 13.30 -5.13
N PHE B 273 22.97 13.85 -3.94
CA PHE B 273 23.36 13.05 -2.83
C PHE B 273 22.38 11.88 -2.56
N ALA B 274 21.07 12.14 -2.57
CA ALA B 274 20.10 11.10 -2.19
C ALA B 274 20.17 9.88 -3.09
N GLY B 275 20.20 10.10 -4.39
CA GLY B 275 20.19 9.02 -5.35
C GLY B 275 21.57 8.43 -5.60
N GLN B 276 22.66 9.06 -5.13
N GLN B 276 22.63 9.09 -5.14
CA GLN B 276 24.05 8.71 -5.56
CA GLN B 276 23.92 8.63 -5.60
C GLN B 276 24.68 7.39 -5.03
C GLN B 276 24.15 7.18 -5.20
N HIS B 277 24.18 6.94 -3.88
CA HIS B 277 24.50 5.63 -3.34
C HIS B 277 23.30 4.70 -3.36
N THR B 278 22.11 5.12 -2.91
CA THR B 278 21.01 4.21 -2.90
C THR B 278 20.71 3.60 -4.31
N SER B 279 20.61 4.42 -5.35
CA SER B 279 20.37 3.93 -6.69
C SER B 279 21.51 3.05 -7.25
N THR B 280 22.74 3.46 -6.97
CA THR B 280 23.94 2.70 -7.35
C THR B 280 23.92 1.32 -6.76
N ILE B 281 23.53 1.26 -5.49
CA ILE B 281 23.48 -0.02 -4.77
C ILE B 281 22.38 -0.93 -5.23
N THR B 282 21.21 -0.37 -5.43
CA THR B 282 20.10 -1.06 -6.01
C THR B 282 20.39 -1.68 -7.39
N THR B 283 20.94 -0.87 -8.30
CA THR B 283 21.41 -1.37 -9.61
C THR B 283 22.43 -2.56 -9.49
N SER B 284 23.42 -2.42 -8.60
CA SER B 284 24.42 -3.47 -8.38
C SER B 284 23.79 -4.73 -7.82
N TRP B 285 23.05 -4.64 -6.71
CA TRP B 285 22.36 -5.79 -6.20
C TRP B 285 21.58 -6.50 -7.24
N SER B 286 20.69 -5.80 -7.96
CA SER B 286 19.87 -6.44 -8.98
C SER B 286 20.70 -7.19 -10.05
N MET B 287 21.76 -6.58 -10.56
CA MET B 287 22.69 -7.25 -11.50
C MET B 287 23.37 -8.44 -10.91
N LEU B 288 23.89 -8.28 -9.68
CA LEU B 288 24.60 -9.36 -8.97
C LEU B 288 23.65 -10.52 -8.81
N HIS B 289 22.44 -10.27 -8.33
CA HIS B 289 21.48 -11.38 -8.24
C HIS B 289 21.17 -11.99 -9.62
N LEU B 290 21.00 -11.15 -10.63
CA LEU B 290 20.47 -11.66 -11.91
C LEU B 290 21.54 -12.52 -12.61
N MET B 291 22.80 -12.14 -12.47
CA MET B 291 23.89 -12.87 -13.06
C MET B 291 24.27 -14.21 -12.38
N HIS B 292 23.73 -14.51 -11.20
CA HIS B 292 24.21 -15.63 -10.42
C HIS B 292 23.54 -16.92 -10.95
N PRO B 293 24.36 -17.98 -11.23
CA PRO B 293 23.84 -19.25 -11.78
C PRO B 293 22.58 -19.74 -11.07
N LYS B 294 22.41 -19.56 -9.78
CA LYS B 294 21.19 -20.08 -9.16
C LYS B 294 19.92 -19.33 -9.58
N ASN B 295 20.11 -18.14 -10.14
CA ASN B 295 18.98 -17.32 -10.56
C ASN B 295 18.77 -17.34 -12.08
N LYS B 296 19.35 -18.33 -12.77
CA LYS B 296 19.18 -18.38 -14.26
C LYS B 296 17.70 -18.28 -14.65
N LYS B 297 16.80 -18.87 -13.88
CA LYS B 297 15.38 -18.74 -14.18
C LYS B 297 14.91 -17.27 -14.24
N TRP B 298 15.44 -16.45 -13.35
CA TRP B 298 15.09 -15.03 -13.31
C TRP B 298 15.76 -14.26 -14.40
N LEU B 299 16.98 -14.65 -14.75
CA LEU B 299 17.72 -13.95 -15.79
C LEU B 299 16.99 -14.20 -17.15
N ASP B 300 16.51 -15.42 -17.33
CA ASP B 300 15.80 -15.80 -18.56
C ASP B 300 14.50 -15.00 -18.69
N LYS B 301 13.80 -14.85 -17.58
CA LYS B 301 12.58 -14.08 -17.56
C LYS B 301 12.80 -12.55 -17.88
N LEU B 302 13.90 -12.00 -17.38
CA LEU B 302 14.24 -10.66 -17.72
C LEU B 302 14.52 -10.58 -19.23
N HIS B 303 15.33 -11.51 -19.76
CA HIS B 303 15.49 -11.63 -21.23
C HIS B 303 14.17 -11.77 -22.08
N LYS B 304 13.28 -12.65 -21.68
CA LYS B 304 11.95 -12.70 -22.30
C LYS B 304 11.23 -11.32 -22.25
N GLU B 305 11.47 -10.55 -21.19
CA GLU B 305 10.88 -9.21 -21.10
C GLU B 305 11.47 -8.19 -22.07
N ILE B 306 12.80 -8.20 -22.24
CA ILE B 306 13.48 -7.11 -22.95
C ILE B 306 14.05 -7.46 -24.33
N ASP B 307 14.17 -8.74 -24.62
CA ASP B 307 14.75 -9.13 -25.93
C ASP B 307 14.09 -8.56 -27.19
N GLU B 308 12.76 -8.44 -27.21
CA GLU B 308 12.06 -7.87 -28.37
C GLU B 308 12.00 -6.30 -28.38
N PHE B 309 12.57 -5.65 -27.35
CA PHE B 309 12.63 -4.18 -27.32
C PHE B 309 13.47 -3.63 -28.47
N PRO B 310 13.19 -2.40 -28.93
CA PRO B 310 13.99 -1.74 -29.95
C PRO B 310 15.32 -1.18 -29.43
N ALA B 311 16.21 -0.80 -30.35
CA ALA B 311 17.46 -0.24 -29.91
C ALA B 311 17.23 1.02 -29.08
N GLN B 312 16.25 1.86 -29.46
CA GLN B 312 16.06 3.10 -28.74
C GLN B 312 14.77 2.94 -28.01
N LEU B 313 14.86 2.76 -26.69
CA LEU B 313 13.68 2.47 -25.88
C LEU B 313 12.91 3.77 -25.71
N ASN B 314 11.60 3.70 -25.51
CA ASN B 314 10.91 4.92 -25.15
C ASN B 314 10.32 4.81 -23.77
N TYR B 315 9.57 5.85 -23.41
CA TYR B 315 9.07 6.00 -22.07
C TYR B 315 8.21 4.83 -21.68
N ASP B 316 7.26 4.50 -22.54
CA ASP B 316 6.34 3.39 -22.30
C ASP B 316 7.01 2.02 -22.15
N ASN B 317 8.10 1.77 -22.86
CA ASN B 317 8.79 0.51 -22.73
C ASN B 317 9.19 0.39 -21.24
N VAL B 318 9.88 1.41 -20.71
CA VAL B 318 10.41 1.35 -19.35
C VAL B 318 9.29 1.47 -18.31
N MET B 319 8.32 2.36 -18.50
CA MET B 319 7.25 2.54 -17.49
C MET B 319 6.17 1.45 -17.52
N ASP B 320 5.86 0.91 -18.68
CA ASP B 320 4.74 -0.01 -18.76
C ASP B 320 5.11 -1.42 -19.08
N GLU B 321 6.23 -1.61 -19.76
CA GLU B 321 6.46 -2.93 -20.34
C GLU B 321 7.60 -3.64 -19.62
N MET B 322 7.91 -3.22 -18.39
CA MET B 322 8.94 -3.91 -17.60
C MET B 322 8.48 -4.31 -16.21
N PRO B 323 7.27 -4.91 -16.06
CA PRO B 323 6.88 -5.19 -14.66
C PRO B 323 7.83 -6.18 -13.93
N PHE B 324 8.40 -7.14 -14.66
CA PHE B 324 9.26 -8.09 -13.99
C PHE B 324 10.63 -7.52 -13.58
N ALA B 325 11.21 -6.68 -14.41
CA ALA B 325 12.38 -5.85 -14.02
C ALA B 325 12.08 -5.04 -12.71
N GLU B 326 10.89 -4.51 -12.59
CA GLU B 326 10.56 -3.71 -11.43
C GLU B 326 10.53 -4.63 -10.21
N ARG B 327 9.96 -5.82 -10.37
CA ARG B 327 10.00 -6.80 -9.28
C ARG B 327 11.45 -7.11 -8.83
N CYS B 328 12.39 -7.23 -9.75
CA CYS B 328 13.77 -7.55 -9.40
C CYS B 328 14.40 -6.42 -8.61
N VAL B 329 14.23 -5.19 -9.07
CA VAL B 329 14.74 -3.98 -8.41
C VAL B 329 14.19 -3.92 -6.98
N ARG B 330 12.86 -4.02 -6.88
N ARG B 330 12.88 -4.08 -6.88
CA ARG B 330 12.14 -3.95 -5.61
CA ARG B 330 12.18 -3.91 -5.64
C ARG B 330 12.62 -5.05 -4.65
C ARG B 330 12.54 -5.06 -4.63
N GLU B 331 12.66 -6.30 -5.11
CA GLU B 331 13.14 -7.39 -4.28
C GLU B 331 14.60 -7.18 -3.84
N SER B 332 15.44 -6.53 -4.65
CA SER B 332 16.77 -6.21 -4.18
C SER B 332 16.74 -5.21 -3.04
N ILE B 333 15.86 -4.21 -3.10
CA ILE B 333 15.80 -3.21 -2.03
C ILE B 333 15.21 -3.89 -0.81
N ARG B 334 14.24 -4.78 -1.03
CA ARG B 334 13.62 -5.55 0.05
C ARG B 334 14.67 -6.39 0.83
N ARG B 335 15.45 -7.20 0.11
CA ARG B 335 16.43 -8.10 0.76
C ARG B 335 17.62 -7.31 1.40
N ASP B 336 18.13 -6.27 0.73
CA ASP B 336 19.22 -5.45 1.32
C ASP B 336 18.92 -3.95 1.18
N PRO B 337 18.00 -3.42 2.04
CA PRO B 337 17.69 -2.01 1.88
C PRO B 337 18.89 -1.14 2.16
N PRO B 338 19.14 -0.12 1.32
CA PRO B 338 20.42 0.66 1.45
C PRO B 338 20.38 1.60 2.68
N LEU B 339 19.18 2.05 3.08
CA LEU B 339 18.98 2.79 4.34
C LEU B 339 18.38 1.83 5.35
N LEU B 340 19.13 1.55 6.40
CA LEU B 340 18.78 0.47 7.35
C LEU B 340 17.66 0.87 8.30
N MET B 341 17.54 2.16 8.58
CA MET B 341 16.74 2.64 9.73
C MET B 341 16.30 4.07 9.41
N VAL B 342 15.07 4.44 9.71
CA VAL B 342 14.65 5.82 9.67
C VAL B 342 14.13 6.19 11.06
N MET B 343 14.30 7.45 11.43
CA MET B 343 14.18 7.88 12.83
C MET B 343 13.42 9.24 12.95
N ARG B 344 12.82 9.46 14.13
CA ARG B 344 12.02 10.67 14.44
C ARG B 344 12.23 10.94 15.94
N MET B 345 12.25 12.23 16.28
CA MET B 345 12.20 12.67 17.68
C MET B 345 10.72 12.69 18.04
N VAL B 346 10.35 11.96 19.11
CA VAL B 346 9.01 12.05 19.61
C VAL B 346 8.81 13.37 20.36
N LYS B 347 7.96 14.20 19.77
CA LYS B 347 7.59 15.48 20.32
C LYS B 347 6.36 15.41 21.28
N ALA B 348 5.52 14.39 21.11
CA ALA B 348 4.39 14.15 22.02
C ALA B 348 4.26 12.64 22.05
N GLU B 349 4.09 12.12 23.27
CA GLU B 349 3.91 10.69 23.54
C GLU B 349 3.04 9.99 22.45
N VAL B 350 3.45 8.84 21.96
CA VAL B 350 2.66 8.14 20.92
C VAL B 350 2.36 6.70 21.36
N LYS B 351 1.19 6.20 21.02
CA LYS B 351 0.87 4.79 21.28
C LYS B 351 1.29 3.88 20.11
N VAL B 352 2.01 2.79 20.43
CA VAL B 352 2.45 1.80 19.45
C VAL B 352 2.15 0.42 20.07
N GLY B 353 1.24 -0.32 19.45
CA GLY B 353 0.78 -1.60 20.00
C GLY B 353 0.26 -1.42 21.42
N SER B 354 0.70 -2.29 22.31
CA SER B 354 0.25 -2.14 23.69
C SER B 354 1.19 -1.23 24.55
N TYR B 355 2.16 -0.54 23.92
CA TYR B 355 3.07 0.34 24.64
C TYR B 355 2.87 1.82 24.39
N VAL B 356 3.42 2.63 25.26
CA VAL B 356 3.54 4.06 24.95
C VAL B 356 5.03 4.43 24.70
N VAL B 357 5.30 5.25 23.68
CA VAL B 357 6.65 5.74 23.45
C VAL B 357 6.75 7.18 23.92
N PRO B 358 7.57 7.46 24.96
CA PRO B 358 7.51 8.78 25.61
C PRO B 358 8.12 9.93 24.78
N LYS B 359 7.68 11.15 25.04
CA LYS B 359 8.30 12.36 24.52
C LYS B 359 9.80 12.38 24.89
N GLY B 360 10.65 12.76 23.93
CA GLY B 360 12.12 12.77 24.11
C GLY B 360 12.80 11.52 23.57
N ASP B 361 12.04 10.43 23.36
CA ASP B 361 12.62 9.26 22.76
C ASP B 361 12.89 9.56 21.31
N ILE B 362 13.88 8.90 20.74
CA ILE B 362 13.90 8.79 19.27
C ILE B 362 13.07 7.56 18.98
N ILE B 363 12.13 7.66 18.04
CA ILE B 363 11.42 6.49 17.57
C ILE B 363 11.99 6.07 16.18
N ALA B 364 12.20 4.76 15.96
CA ALA B 364 12.76 4.32 14.71
C ALA B 364 11.94 3.23 14.06
N CYS B 365 12.08 3.14 12.75
CA CYS B 365 11.56 2.02 12.01
C CYS B 365 12.66 1.56 11.11
N SER B 366 12.87 0.26 11.01
CA SER B 366 14.00 -0.23 10.29
C SER B 366 13.58 -1.07 9.05
N PRO B 367 13.74 -0.51 7.84
CA PRO B 367 13.60 -1.33 6.67
C PRO B 367 14.41 -2.61 6.83
N LEU B 368 15.62 -2.56 7.37
CA LEU B 368 16.44 -3.79 7.56
C LEU B 368 15.69 -4.89 8.39
N LEU B 369 15.15 -4.50 9.55
CA LEU B 369 14.50 -5.45 10.43
C LEU B 369 13.17 -5.93 9.90
N SER B 370 12.31 -4.99 9.50
CA SER B 370 10.98 -5.34 9.02
C SER B 370 11.01 -6.19 7.76
N HIS B 371 12.01 -5.98 6.90
CA HIS B 371 12.15 -6.78 5.65
C HIS B 371 12.66 -8.22 5.97
N HIS B 372 13.11 -8.41 7.21
CA HIS B 372 13.51 -9.74 7.65
C HIS B 372 12.59 -10.38 8.62
N ASP B 373 11.43 -9.76 8.85
CA ASP B 373 10.43 -10.35 9.67
C ASP B 373 9.89 -11.61 8.94
N GLU B 374 9.99 -12.73 9.62
CA GLU B 374 9.62 -14.04 9.06
C GLU B 374 8.17 -14.14 8.60
N GLU B 375 7.25 -13.49 9.28
CA GLU B 375 5.87 -13.52 8.88
C GLU B 375 5.67 -12.73 7.58
N ALA B 376 6.19 -11.48 7.51
CA ALA B 376 5.98 -10.68 6.32
C ALA B 376 6.77 -11.21 5.15
N PHE B 377 7.98 -11.71 5.42
CA PHE B 377 8.85 -12.10 4.33
C PHE B 377 9.48 -13.48 4.58
N PRO B 378 8.69 -14.55 4.42
CA PRO B 378 9.27 -15.86 4.73
C PRO B 378 10.59 -16.14 3.91
N ASN B 379 11.57 -16.76 4.58
CA ASN B 379 12.94 -17.08 4.07
C ASN B 379 13.59 -15.81 3.56
N PRO B 380 13.79 -14.83 4.48
CA PRO B 380 13.99 -13.47 3.98
C PRO B 380 15.31 -13.22 3.27
N ARG B 381 16.30 -14.14 3.42
CA ARG B 381 17.60 -14.05 2.76
C ARG B 381 17.59 -14.55 1.31
N LEU B 382 16.48 -15.22 0.95
CA LEU B 382 16.23 -15.59 -0.44
C LEU B 382 15.77 -14.39 -1.22
N TRP B 383 16.43 -14.16 -2.33
CA TRP B 383 15.98 -13.20 -3.29
C TRP B 383 14.96 -13.90 -4.22
N ASP B 384 13.71 -13.48 -4.16
CA ASP B 384 12.69 -14.06 -5.00
C ASP B 384 11.86 -12.89 -5.51
N PRO B 385 12.07 -12.50 -6.76
CA PRO B 385 11.37 -11.38 -7.35
C PRO B 385 9.85 -11.61 -7.43
N GLU B 386 9.39 -12.86 -7.33
CA GLU B 386 7.98 -13.13 -7.40
C GLU B 386 7.31 -13.23 -6.07
N ARG B 387 8.01 -12.87 -4.98
CA ARG B 387 7.34 -12.83 -3.70
C ARG B 387 6.48 -11.55 -3.61
N ASP B 388 5.57 -11.57 -2.64
CA ASP B 388 4.75 -10.41 -2.29
C ASP B 388 4.79 -10.33 -0.77
N GLU B 389 4.81 -9.13 -0.22
CA GLU B 389 4.71 -9.04 1.26
C GLU B 389 3.43 -9.77 1.73
N LYS B 390 3.53 -10.40 2.90
CA LYS B 390 2.44 -11.12 3.55
C LYS B 390 1.80 -10.34 4.68
N VAL B 391 2.35 -9.18 4.98
CA VAL B 391 1.70 -8.25 5.88
C VAL B 391 1.60 -6.94 5.09
N ASP B 392 0.42 -6.33 5.01
CA ASP B 392 0.25 -5.07 4.23
C ASP B 392 1.19 -3.98 4.78
N GLY B 393 1.94 -3.33 3.89
CA GLY B 393 2.78 -2.19 4.27
C GLY B 393 4.12 -2.61 4.88
N ALA B 394 4.42 -3.90 4.83
CA ALA B 394 5.67 -4.43 5.42
C ALA B 394 6.93 -3.98 4.66
N PHE B 395 6.83 -3.84 3.34
CA PHE B 395 7.95 -3.28 2.57
C PHE B 395 8.02 -1.77 2.68
N ILE B 396 9.15 -1.29 3.19
CA ILE B 396 9.34 0.13 3.45
C ILE B 396 10.68 0.64 2.95
N GLY B 397 11.18 0.06 1.85
CA GLY B 397 12.46 0.44 1.28
C GLY B 397 12.55 1.90 0.84
N PHE B 398 11.39 2.45 0.49
CA PHE B 398 11.26 3.89 0.16
C PHE B 398 10.39 4.67 1.15
N GLY B 399 10.36 4.22 2.40
CA GLY B 399 9.53 4.85 3.40
C GLY B 399 8.04 4.69 3.11
N ALA B 400 7.23 5.53 3.74
CA ALA B 400 5.77 5.45 3.65
C ALA B 400 5.13 6.73 4.17
N GLY B 401 3.84 6.95 3.86
CA GLY B 401 3.07 8.04 4.46
C GLY B 401 3.73 9.42 4.26
N VAL B 402 3.87 10.22 5.32
CA VAL B 402 4.20 11.64 5.18
C VAL B 402 5.55 11.83 4.48
N HIS B 403 6.56 11.05 4.86
CA HIS B 403 7.92 11.25 4.37
C HIS B 403 8.36 10.25 3.31
N LYS B 404 7.42 9.74 2.53
CA LYS B 404 7.79 8.71 1.53
C LYS B 404 8.67 9.37 0.47
N CYS B 405 9.59 8.58 -0.06
CA CYS B 405 10.60 9.06 -1.00
C CYS B 405 10.01 9.80 -2.20
N ILE B 406 10.53 10.99 -2.45
CA ILE B 406 10.04 11.74 -3.58
C ILE B 406 10.89 11.42 -4.81
N GLY B 407 12.00 10.70 -4.61
CA GLY B 407 12.91 10.28 -5.70
C GLY B 407 12.58 8.90 -6.28
N GLN B 408 11.63 8.16 -5.69
CA GLN B 408 11.36 6.74 -6.07
C GLN B 408 11.10 6.51 -7.59
N LYS B 409 10.31 7.35 -8.23
CA LYS B 409 9.91 7.10 -9.60
C LYS B 409 11.14 7.33 -10.49
N PHE B 410 11.89 8.40 -10.20
CA PHE B 410 13.05 8.61 -11.00
C PHE B 410 14.07 7.48 -10.76
N ALA B 411 14.26 7.04 -9.52
CA ALA B 411 15.26 6.05 -9.24
C ALA B 411 14.89 4.75 -9.97
N LEU B 412 13.60 4.39 -9.98
CA LEU B 412 13.21 3.16 -10.65
C LEU B 412 13.45 3.23 -12.16
N LEU B 413 13.18 4.42 -12.75
CA LEU B 413 13.17 4.59 -14.20
C LEU B 413 14.61 4.45 -14.56
N GLN B 414 15.45 5.10 -13.77
CA GLN B 414 16.82 5.10 -14.06
C GLN B 414 17.39 3.65 -13.95
N VAL B 415 17.07 2.95 -12.86
CA VAL B 415 17.67 1.62 -12.63
C VAL B 415 17.16 0.64 -13.71
N LYS B 416 15.88 0.77 -14.06
CA LYS B 416 15.27 -0.17 -15.00
C LYS B 416 15.85 0.03 -16.39
N THR B 417 16.13 1.29 -16.73
CA THR B 417 16.73 1.66 -18.01
C THR B 417 18.18 1.16 -18.14
N ILE B 418 18.98 1.33 -17.10
CA ILE B 418 20.34 0.79 -17.06
C ILE B 418 20.32 -0.74 -17.23
N LEU B 419 19.42 -1.43 -16.54
CA LEU B 419 19.31 -2.88 -16.67
C LEU B 419 18.89 -3.33 -18.07
N ALA B 420 17.86 -2.73 -18.67
CA ALA B 420 17.50 -3.02 -20.06
C ALA B 420 18.65 -2.73 -21.04
N THR B 421 19.42 -1.71 -20.75
CA THR B 421 20.48 -1.29 -21.70
C THR B 421 21.67 -2.20 -21.62
N ALA B 422 22.14 -2.45 -20.40
CA ALA B 422 23.36 -3.26 -20.17
C ALA B 422 23.22 -4.75 -20.50
N PHE B 423 22.12 -5.38 -20.12
CA PHE B 423 21.92 -6.81 -20.37
C PHE B 423 21.61 -7.07 -21.84
N ARG B 424 21.21 -6.03 -22.58
CA ARG B 424 21.08 -6.13 -24.02
C ARG B 424 22.40 -6.36 -24.68
N GLU B 425 23.46 -5.65 -24.29
CA GLU B 425 24.75 -5.77 -24.98
C GLU B 425 25.81 -6.69 -24.37
N TYR B 426 25.63 -7.14 -23.14
CA TYR B 426 26.67 -7.90 -22.46
C TYR B 426 26.02 -8.95 -21.62
N ASP B 427 26.77 -10.05 -21.41
CA ASP B 427 26.52 -10.97 -20.29
C ASP B 427 27.53 -10.74 -19.22
N PHE B 428 27.23 -11.21 -18.03
CA PHE B 428 28.11 -10.93 -16.87
C PHE B 428 28.26 -12.23 -16.07
N GLN B 429 29.45 -12.45 -15.55
CA GLN B 429 29.73 -13.58 -14.69
C GLN B 429 30.28 -13.06 -13.38
N LEU B 430 29.69 -13.44 -12.26
CA LEU B 430 30.22 -13.01 -10.96
C LEU B 430 31.43 -13.89 -10.61
N LEU B 431 32.54 -13.27 -10.25
CA LEU B 431 33.79 -13.96 -9.98
C LEU B 431 33.96 -14.36 -8.54
N ARG B 432 32.94 -15.02 -8.01
CA ARG B 432 32.99 -15.62 -6.69
C ARG B 432 31.76 -16.50 -6.64
N ASP B 433 31.66 -17.27 -5.59
CA ASP B 433 30.66 -18.32 -5.48
C ASP B 433 29.25 -17.87 -5.15
N GLU B 434 29.16 -16.92 -4.23
CA GLU B 434 27.88 -16.40 -3.79
C GLU B 434 27.82 -14.93 -4.03
N VAL B 435 26.61 -14.44 -4.18
CA VAL B 435 26.33 -13.01 -4.15
C VAL B 435 27.05 -12.38 -2.95
N PRO B 436 27.64 -11.19 -3.12
CA PRO B 436 28.31 -10.50 -2.01
C PRO B 436 27.47 -10.42 -0.72
N ASP B 437 28.17 -10.42 0.42
CA ASP B 437 27.64 -10.01 1.75
C ASP B 437 27.43 -8.49 1.66
N PRO B 438 26.37 -7.98 2.30
CA PRO B 438 26.22 -6.53 2.53
C PRO B 438 27.33 -6.06 3.46
N ASP B 439 27.80 -4.85 3.24
CA ASP B 439 28.84 -4.32 4.09
C ASP B 439 28.17 -3.29 5.00
N TYR B 440 27.89 -3.63 6.25
CA TYR B 440 27.07 -2.73 7.03
C TYR B 440 27.88 -1.61 7.67
N HIS B 441 29.12 -1.39 7.24
CA HIS B 441 30.01 -0.43 7.89
C HIS B 441 29.91 1.00 7.28
N THR B 442 29.11 1.18 6.25
CA THR B 442 28.96 2.48 5.66
C THR B 442 27.54 2.95 5.93
N MET B 443 27.32 4.25 5.92
CA MET B 443 26.05 4.78 6.33
C MET B 443 24.93 4.47 5.32
N VAL B 444 25.23 4.39 4.03
CA VAL B 444 24.32 3.74 3.07
C VAL B 444 24.85 2.36 2.77
N VAL B 445 24.02 1.34 2.94
CA VAL B 445 24.55 -0.01 2.89
C VAL B 445 24.50 -0.61 1.49
N GLY B 446 25.64 -1.11 1.02
CA GLY B 446 25.66 -1.82 -0.27
C GLY B 446 26.46 -3.11 -0.26
N PRO B 447 26.63 -3.74 -1.42
CA PRO B 447 27.39 -4.97 -1.31
C PRO B 447 28.83 -4.62 -1.04
N THR B 448 29.59 -5.56 -0.55
CA THR B 448 30.97 -5.33 -0.15
C THR B 448 31.80 -5.09 -1.42
N LEU B 449 32.51 -3.95 -1.45
CA LEU B 449 33.22 -3.46 -2.63
C LEU B 449 34.11 -4.55 -3.26
N ASN B 450 35.01 -5.14 -2.44
CA ASN B 450 35.94 -6.15 -2.98
C ASN B 450 35.32 -7.49 -3.34
N GLN B 451 34.03 -7.68 -3.12
CA GLN B 451 33.35 -8.89 -3.60
C GLN B 451 32.61 -8.68 -4.93
N CYS B 452 32.68 -7.46 -5.51
CA CYS B 452 31.89 -7.10 -6.70
C CYS B 452 32.67 -7.16 -8.05
N LEU B 453 33.67 -8.05 -8.14
CA LEU B 453 34.43 -8.20 -9.37
C LEU B 453 33.59 -9.05 -10.28
N VAL B 454 33.42 -8.61 -11.51
CA VAL B 454 32.51 -9.27 -12.43
C VAL B 454 33.26 -9.31 -13.80
N LYS B 455 33.00 -10.35 -14.57
CA LYS B 455 33.58 -10.39 -15.93
C LYS B 455 32.46 -10.12 -16.95
N TYR B 456 32.64 -9.09 -17.78
CA TYR B 456 31.65 -8.79 -18.83
C TYR B 456 32.06 -9.59 -20.07
N THR B 457 31.08 -10.01 -20.84
CA THR B 457 31.31 -10.51 -22.22
C THR B 457 30.39 -9.81 -23.20
N ARG B 458 30.96 -9.17 -24.22
CA ARG B 458 30.19 -8.57 -25.34
C ARG B 458 29.38 -9.64 -26.04
N LYS B 459 28.13 -9.35 -26.34
CA LYS B 459 27.29 -10.27 -27.11
C LYS B 459 27.61 -10.12 -28.58
N LYS B 460 28.03 -8.92 -28.99
CA LYS B 460 28.51 -8.61 -30.32
C LYS B 460 29.99 -8.26 -30.18
N LYS B 461 30.85 -9.13 -30.71
CA LYS B 461 32.28 -8.98 -30.49
C LYS B 461 32.96 -7.97 -31.47
N LEU B 462 34.09 -7.42 -31.03
CA LEU B 462 34.91 -6.53 -31.85
C LEU B 462 35.29 -7.13 -33.21
N PRO B 463 35.44 -6.29 -34.25
CA PRO B 463 35.73 -6.86 -35.58
C PRO B 463 37.13 -7.48 -35.64
#